data_3ABT
#
_entry.id   3ABT
#
_cell.length_a   183.840
_cell.length_b   183.840
_cell.length_c   109.150
_cell.angle_alpha   90.00
_cell.angle_beta   90.00
_cell.angle_gamma   120.00
#
_symmetry.space_group_name_H-M   'P 61 2 2'
#
loop_
_entity.id
_entity.type
_entity.pdbx_description
1 polymer 'Lysine-specific histone demethylase 1'
2 non-polymer '[(2R,3S,4R,5R)-5-(6-amino-9H-purin-9-yl)-3,4-dihydroxytetrahydrofuran-2-yl]methyl (2R,3S,4S)-2,3,4-trihydroxy-5-[(1R,3R,3aS)-1-hydroxy-10,11-dimethyl-4,6-dioxo-3-(pentafluorophenyl)-2,3,5,6-tetrahydro-1H-benzo[g]pyrrolo[2,1-e]pteridin-8(4H)-yl]pentyl dihydrogen diphosphate'
#
_entity_poly.entity_id   1
_entity_poly.type   'polypeptide(L)'
_entity_poly.pdbx_seq_one_letter_code
;SGVEGAAFQSRLPHDRMTSQEAACFPDIISGPQQTQKVFLFIRNRTLQLWLDNPKIQLTFEATLQQLEAPYNSDTVLVHR
VHSYLERHGLINFGIYKRIKPLPTKKTGKVIIIGSGVSGLAAARQLQSFGMDVTLLEARDRVGGRVATFRKGNYVADLGA
MVVTGLGGNPMAVVSKQVNMELAKIKQKCPLYEANGQAVPKEKDEMVEQEFNRLLEATSYLSHQLDFNVLNNKPVSLGQA
LEVVIQLQEKHVKDEQIEHWKKIVKTQEELKELLNKMVNLKEKIKELHQQYKEASEVKPPRDITAEFLVKSKHRDLTALC
KEYDELAETQGKLEEKLQELEANPPSDVYLSSRDRQILDWHFANLEFANATPLSTLSLKHWDQDDDFEFTGSHLTVRNGY
SCVPVALAEGLDIKLNTAVRQVRYTASGCEVIAVNTRSTSQTFIYKCDAVLCTLPLGVLKQQPPAVQFVPPLPEWKTSAV
QRMGFGNLNKVVLCFDRVFWDPSVNLFGHVGSTTASRGELFLFWNLYKAPILLALVAGEAAGIMENISDDVIVGRCLAIL
KGIFGSSAVPQPKETVVSRWRADPWARGSYSYVAAGSSGNDYDLMAQPITPGPSIPGAPQPIPRLFFAGEHTIRNYPATV
HGALLSGLREAGRIADQFLGAM
;
_entity_poly.pdbx_strand_id   A
#
# COMPACT_ATOMS: atom_id res chain seq x y z
N SER A 1 27.29 4.18 -15.71
CA SER A 1 26.55 4.99 -14.69
C SER A 1 26.97 4.62 -13.27
N GLY A 2 28.28 4.59 -13.04
CA GLY A 2 28.79 4.24 -11.73
C GLY A 2 28.37 5.23 -10.65
N VAL A 3 28.89 6.46 -10.74
CA VAL A 3 28.54 7.49 -9.78
C VAL A 3 27.09 7.89 -9.99
N GLU A 4 26.55 7.54 -11.14
CA GLU A 4 25.16 7.85 -11.48
C GLU A 4 24.24 6.91 -10.70
N GLY A 5 24.74 5.73 -10.38
CA GLY A 5 23.96 4.76 -9.63
C GLY A 5 23.83 5.16 -8.18
N ALA A 6 24.91 5.62 -7.59
CA ALA A 6 24.92 6.04 -6.19
C ALA A 6 23.89 7.13 -5.97
N ALA A 7 23.85 8.11 -6.86
CA ALA A 7 22.91 9.21 -6.77
C ALA A 7 21.48 8.70 -6.75
N PHE A 8 21.18 7.73 -7.61
CA PHE A 8 19.85 7.15 -7.71
C PHE A 8 19.49 6.40 -6.43
N GLN A 9 20.39 5.52 -6.00
CA GLN A 9 20.17 4.72 -4.80
C GLN A 9 19.93 5.60 -3.57
N SER A 10 20.27 6.89 -3.68
CA SER A 10 20.09 7.83 -2.58
C SER A 10 18.92 8.78 -2.84
N ARG A 11 18.00 8.36 -3.70
CA ARG A 11 16.84 9.17 -4.05
C ARG A 11 17.26 10.56 -4.52
N LEU A 12 18.35 10.62 -5.29
CA LEU A 12 18.86 11.89 -5.79
C LEU A 12 19.15 11.86 -7.29
N PRO A 13 18.94 13.00 -7.96
CA PRO A 13 19.18 13.14 -9.41
C PRO A 13 20.66 13.46 -9.65
N HIS A 14 21.38 12.50 -10.22
CA HIS A 14 22.81 12.66 -10.49
C HIS A 14 23.20 13.89 -11.30
N ASP A 15 22.31 14.38 -12.14
CA ASP A 15 22.61 15.53 -12.98
C ASP A 15 22.06 16.88 -12.55
N ARG A 16 21.80 17.06 -11.25
CA ARG A 16 21.29 18.33 -10.78
C ARG A 16 21.10 18.38 -9.27
N MET A 17 21.34 19.55 -8.69
CA MET A 17 21.20 19.76 -7.26
C MET A 17 19.74 19.83 -6.88
N THR A 18 19.42 19.40 -5.67
CA THR A 18 18.04 19.43 -5.18
C THR A 18 17.78 20.79 -4.55
N SER A 19 16.52 21.09 -4.26
CA SER A 19 16.18 22.37 -3.65
C SER A 19 16.93 22.57 -2.34
N GLN A 20 17.14 21.47 -1.61
CA GLN A 20 17.85 21.55 -0.34
C GLN A 20 19.34 21.79 -0.55
N GLU A 21 19.97 20.95 -1.36
CA GLU A 21 21.40 21.09 -1.64
C GLU A 21 21.71 22.50 -2.13
N ALA A 22 20.74 23.09 -2.82
CA ALA A 22 20.89 24.44 -3.36
C ALA A 22 20.78 25.46 -2.24
N ALA A 23 20.07 25.10 -1.18
CA ALA A 23 19.87 25.98 -0.04
C ALA A 23 21.12 26.05 0.83
N CYS A 24 21.83 24.92 0.92
CA CYS A 24 23.05 24.85 1.72
C CYS A 24 24.26 25.30 0.93
N PHE A 25 24.17 25.24 -0.39
CA PHE A 25 25.27 25.65 -1.25
C PHE A 25 24.86 26.73 -2.24
N PRO A 26 24.39 27.88 -1.74
CA PRO A 26 23.97 28.97 -2.64
C PRO A 26 25.08 29.39 -3.57
N ASP A 27 26.29 29.46 -3.02
CA ASP A 27 27.48 29.85 -3.79
C ASP A 27 27.65 28.99 -5.04
N ILE A 28 27.35 27.70 -4.90
CA ILE A 28 27.49 26.76 -6.00
C ILE A 28 26.36 26.92 -7.00
N ILE A 29 25.13 26.77 -6.53
CA ILE A 29 23.95 26.88 -7.38
C ILE A 29 23.93 28.21 -8.15
N SER A 30 24.14 29.31 -7.43
CA SER A 30 24.15 30.63 -8.06
C SER A 30 25.57 31.05 -8.41
N GLY A 31 26.22 30.27 -9.26
CA GLY A 31 27.57 30.57 -9.67
C GLY A 31 27.95 29.78 -10.91
N PRO A 32 29.24 29.71 -11.26
CA PRO A 32 29.69 28.97 -12.44
C PRO A 32 29.08 27.57 -12.49
N GLN A 33 28.44 27.24 -13.60
CA GLN A 33 27.82 25.92 -13.74
C GLN A 33 28.92 24.86 -13.70
N GLN A 34 30.10 25.23 -14.20
CA GLN A 34 31.23 24.32 -14.21
C GLN A 34 31.48 23.84 -12.79
N THR A 35 31.21 24.72 -11.83
CA THR A 35 31.39 24.41 -10.43
C THR A 35 30.33 23.41 -10.01
N GLN A 36 29.08 23.71 -10.34
CA GLN A 36 27.95 22.84 -10.01
C GLN A 36 28.19 21.45 -10.59
N LYS A 37 28.83 21.41 -11.76
CA LYS A 37 29.14 20.15 -12.42
C LYS A 37 30.08 19.35 -11.52
N VAL A 38 30.98 20.05 -10.83
CA VAL A 38 31.95 19.44 -9.94
C VAL A 38 31.27 18.98 -8.64
N PHE A 39 30.47 19.87 -8.07
CA PHE A 39 29.75 19.56 -6.84
C PHE A 39 29.08 18.20 -6.93
N LEU A 40 28.23 18.05 -7.95
CA LEU A 40 27.51 16.81 -8.16
C LEU A 40 28.44 15.60 -8.14
N PHE A 41 29.44 15.59 -9.01
CA PHE A 41 30.36 14.47 -9.07
C PHE A 41 30.86 14.08 -7.69
N ILE A 42 31.43 15.04 -6.96
CA ILE A 42 31.94 14.77 -5.62
C ILE A 42 30.84 14.17 -4.76
N ARG A 43 29.63 14.71 -4.87
CA ARG A 43 28.50 14.19 -4.09
C ARG A 43 28.18 12.76 -4.50
N ASN A 44 28.06 12.53 -5.81
CA ASN A 44 27.75 11.20 -6.32
C ASN A 44 28.88 10.23 -6.04
N ARG A 45 30.11 10.74 -6.03
CA ARG A 45 31.28 9.89 -5.79
C ARG A 45 31.36 9.51 -4.31
N THR A 46 31.06 10.47 -3.43
CA THR A 46 31.10 10.21 -1.99
C THR A 46 30.09 9.12 -1.66
N LEU A 47 28.86 9.31 -2.14
CA LEU A 47 27.79 8.35 -1.92
C LEU A 47 28.23 6.98 -2.41
N GLN A 48 28.77 6.95 -3.63
CA GLN A 48 29.25 5.71 -4.22
C GLN A 48 30.14 4.97 -3.24
N LEU A 49 31.17 5.67 -2.74
CA LEU A 49 32.11 5.08 -1.79
C LEU A 49 31.42 4.51 -0.57
N TRP A 50 30.49 5.29 0.00
CA TRP A 50 29.76 4.85 1.19
C TRP A 50 28.87 3.64 0.93
N LEU A 51 28.20 3.62 -0.22
CA LEU A 51 27.32 2.52 -0.57
C LEU A 51 28.08 1.25 -0.96
N ASP A 52 29.24 1.41 -1.58
CA ASP A 52 30.03 0.26 -1.99
C ASP A 52 30.68 -0.39 -0.78
N ASN A 53 30.38 0.13 0.40
CA ASN A 53 30.92 -0.41 1.65
C ASN A 53 30.31 0.31 2.85
N PRO A 54 29.03 0.02 3.14
CA PRO A 54 28.31 0.63 4.28
C PRO A 54 28.67 0.00 5.62
N LYS A 55 29.58 -0.96 5.60
CA LYS A 55 30.02 -1.64 6.83
C LYS A 55 30.92 -0.75 7.69
N ILE A 56 31.78 0.02 7.05
CA ILE A 56 32.69 0.91 7.76
C ILE A 56 32.39 2.39 7.53
N GLN A 57 32.72 3.20 8.52
CA GLN A 57 32.49 4.65 8.46
C GLN A 57 33.35 5.31 7.39
N LEU A 58 32.72 6.16 6.57
CA LEU A 58 33.43 6.87 5.52
C LEU A 58 33.80 8.26 6.02
N THR A 59 35.02 8.41 6.51
CA THR A 59 35.49 9.69 7.03
C THR A 59 35.84 10.70 5.93
N PHE A 60 36.02 11.95 6.33
CA PHE A 60 36.35 13.01 5.40
C PHE A 60 37.65 12.76 4.63
N GLU A 61 38.72 12.45 5.36
CA GLU A 61 39.99 12.20 4.71
C GLU A 61 39.98 10.87 3.94
N ALA A 62 39.06 9.99 4.31
CA ALA A 62 38.93 8.71 3.64
C ALA A 62 38.34 8.94 2.26
N THR A 63 37.51 9.96 2.16
CA THR A 63 36.87 10.33 0.90
C THR A 63 37.83 11.15 0.06
N LEU A 64 38.51 12.10 0.71
CA LEU A 64 39.47 12.97 0.04
C LEU A 64 40.64 12.20 -0.57
N GLN A 65 40.91 11.01 -0.06
CA GLN A 65 42.02 10.21 -0.56
C GLN A 65 41.58 9.17 -1.58
N GLN A 66 40.29 9.16 -1.90
CA GLN A 66 39.77 8.19 -2.86
C GLN A 66 39.27 8.89 -4.11
N LEU A 67 39.24 10.22 -4.08
CA LEU A 67 38.80 11.01 -5.22
C LEU A 67 40.01 11.17 -6.14
N GLU A 68 39.76 11.47 -7.41
CA GLU A 68 40.82 11.66 -8.38
C GLU A 68 40.98 13.12 -8.77
N ALA A 69 42.08 13.42 -9.46
CA ALA A 69 42.35 14.78 -9.89
C ALA A 69 41.27 15.26 -10.84
N PRO A 70 40.90 16.55 -10.77
CA PRO A 70 41.45 17.56 -9.86
C PRO A 70 40.58 17.75 -8.62
N TYR A 71 39.56 16.91 -8.49
CA TYR A 71 38.61 16.97 -7.38
C TYR A 71 39.29 16.91 -6.01
N ASN A 72 40.19 15.95 -5.84
CA ASN A 72 40.91 15.78 -4.57
C ASN A 72 41.70 17.01 -4.15
N SER A 73 41.83 17.98 -5.04
CA SER A 73 42.58 19.20 -4.75
C SER A 73 41.72 20.19 -3.97
N ASP A 74 40.47 20.34 -4.37
CA ASP A 74 39.56 21.25 -3.70
C ASP A 74 39.08 20.63 -2.39
N THR A 75 39.97 20.59 -1.41
CA THR A 75 39.67 20.02 -0.11
C THR A 75 38.42 20.63 0.50
N VAL A 76 38.43 21.95 0.68
CA VAL A 76 37.31 22.67 1.26
C VAL A 76 35.96 22.24 0.70
N LEU A 77 35.86 22.19 -0.63
CA LEU A 77 34.62 21.79 -1.29
C LEU A 77 34.26 20.36 -0.89
N VAL A 78 35.24 19.46 -0.97
CA VAL A 78 35.01 18.06 -0.61
C VAL A 78 34.42 17.96 0.79
N HIS A 79 35.03 18.69 1.73
CA HIS A 79 34.58 18.68 3.12
C HIS A 79 33.13 19.14 3.25
N ARG A 80 32.83 20.29 2.66
CA ARG A 80 31.48 20.83 2.70
C ARG A 80 30.47 19.79 2.22
N VAL A 81 30.85 19.07 1.17
CA VAL A 81 29.97 18.03 0.63
C VAL A 81 29.87 16.87 1.60
N HIS A 82 31.00 16.25 1.91
CA HIS A 82 31.05 15.12 2.83
C HIS A 82 30.26 15.40 4.11
N SER A 83 30.57 16.54 4.74
CA SER A 83 29.87 16.93 5.96
C SER A 83 28.37 16.93 5.73
N TYR A 84 27.95 17.62 4.67
CA TYR A 84 26.54 17.71 4.34
C TYR A 84 25.87 16.33 4.29
N LEU A 85 26.43 15.44 3.47
CA LEU A 85 25.89 14.10 3.32
C LEU A 85 25.78 13.36 4.65
N GLU A 86 26.71 13.63 5.56
CA GLU A 86 26.71 12.97 6.86
C GLU A 86 25.65 13.56 7.79
N ARG A 87 25.51 14.88 7.75
CA ARG A 87 24.54 15.58 8.59
C ARG A 87 23.10 15.26 8.24
N HIS A 88 22.87 14.79 7.01
CA HIS A 88 21.53 14.48 6.56
C HIS A 88 21.27 12.99 6.35
N GLY A 89 22.10 12.15 6.99
CA GLY A 89 21.94 10.72 6.88
C GLY A 89 22.19 10.06 5.55
N LEU A 90 22.76 10.79 4.59
CA LEU A 90 23.03 10.21 3.28
C LEU A 90 24.25 9.29 3.33
N ILE A 91 25.07 9.45 4.36
CA ILE A 91 26.26 8.63 4.55
C ILE A 91 26.51 8.40 6.04
N ASN A 92 27.19 7.31 6.35
CA ASN A 92 27.50 6.97 7.74
C ASN A 92 26.26 6.86 8.63
N PHE A 93 25.31 6.02 8.21
CA PHE A 93 24.08 5.81 8.99
C PHE A 93 23.85 4.31 9.16
N GLY A 94 22.99 3.94 10.10
CA GLY A 94 22.72 2.54 10.35
C GLY A 94 23.73 1.99 11.33
N ILE A 95 24.30 0.83 11.04
CA ILE A 95 25.30 0.23 11.92
C ILE A 95 26.59 0.01 11.14
N TYR A 96 27.66 0.64 11.59
CA TYR A 96 28.96 0.54 10.92
C TYR A 96 30.11 0.79 11.89
N LYS A 97 31.29 0.32 11.54
CA LYS A 97 32.48 0.52 12.36
C LYS A 97 32.80 2.01 12.41
N ARG A 98 33.25 2.49 13.56
CA ARG A 98 33.59 3.90 13.71
C ARG A 98 35.10 4.04 13.78
N ILE A 99 35.74 4.18 12.62
CA ILE A 99 37.19 4.32 12.55
C ILE A 99 37.66 5.53 13.35
N LYS A 100 36.74 6.43 13.68
CA LYS A 100 37.07 7.61 14.47
C LYS A 100 36.21 7.66 15.72
N PRO A 101 36.82 7.41 16.88
CA PRO A 101 36.16 7.40 18.20
C PRO A 101 35.24 8.59 18.46
N LEU A 102 34.19 8.33 19.23
CA LEU A 102 33.21 9.36 19.59
C LEU A 102 33.80 10.28 20.65
N PRO A 103 33.46 11.57 20.60
CA PRO A 103 33.97 12.54 21.57
C PRO A 103 33.53 12.21 23.00
N THR A 104 34.46 12.24 23.93
CA THR A 104 34.18 11.95 25.33
C THR A 104 33.20 12.95 25.92
N LYS A 105 33.19 14.16 25.36
CA LYS A 105 32.29 15.21 25.83
C LYS A 105 31.06 15.33 24.95
N LYS A 106 29.94 14.80 25.45
CA LYS A 106 28.68 14.83 24.72
C LYS A 106 28.03 16.22 24.85
N THR A 107 27.87 16.90 23.72
CA THR A 107 27.28 18.23 23.70
C THR A 107 25.80 18.19 23.35
N GLY A 108 24.96 18.64 24.28
CA GLY A 108 23.52 18.65 24.05
C GLY A 108 22.82 17.40 24.57
N LYS A 109 21.72 17.59 25.28
CA LYS A 109 20.96 16.47 25.83
C LYS A 109 19.57 16.43 25.18
N VAL A 110 19.29 15.32 24.50
CA VAL A 110 18.00 15.17 23.84
C VAL A 110 17.33 13.83 24.18
N ILE A 111 16.05 13.91 24.54
CA ILE A 111 15.29 12.72 24.90
C ILE A 111 14.42 12.27 23.72
N ILE A 112 14.54 10.99 23.37
CA ILE A 112 13.78 10.43 22.27
C ILE A 112 12.67 9.52 22.82
N ILE A 113 11.43 9.88 22.54
CA ILE A 113 10.28 9.10 22.99
C ILE A 113 9.99 7.99 22.00
N GLY A 114 10.18 6.74 22.44
CA GLY A 114 9.92 5.62 21.57
C GLY A 114 11.18 5.03 20.96
N SER A 115 11.33 3.71 21.08
CA SER A 115 12.50 3.02 20.54
C SER A 115 12.18 2.33 19.22
N GLY A 116 11.27 2.92 18.44
CA GLY A 116 10.92 2.34 17.15
C GLY A 116 12.07 2.53 16.16
N VAL A 117 11.90 2.01 14.95
CA VAL A 117 12.94 2.13 13.94
C VAL A 117 13.29 3.60 13.71
N SER A 118 12.28 4.48 13.72
CA SER A 118 12.51 5.90 13.52
C SER A 118 13.29 6.47 14.70
N GLY A 119 12.93 6.06 15.90
CA GLY A 119 13.61 6.53 17.09
C GLY A 119 15.05 6.07 17.16
N LEU A 120 15.28 4.79 16.88
CA LEU A 120 16.62 4.22 16.91
C LEU A 120 17.52 4.84 15.84
N ALA A 121 16.95 5.13 14.68
CA ALA A 121 17.69 5.73 13.58
C ALA A 121 18.26 7.07 14.00
N ALA A 122 17.36 7.98 14.39
CA ALA A 122 17.77 9.32 14.82
C ALA A 122 18.73 9.22 16.01
N ALA A 123 18.47 8.27 16.89
CA ALA A 123 19.30 8.07 18.08
C ALA A 123 20.75 7.80 17.70
N ARG A 124 20.98 6.87 16.78
CA ARG A 124 22.34 6.54 16.37
C ARG A 124 23.02 7.71 15.68
N GLN A 125 22.23 8.58 15.07
CA GLN A 125 22.78 9.75 14.39
C GLN A 125 23.27 10.76 15.42
N LEU A 126 22.33 11.29 16.21
CA LEU A 126 22.65 12.27 17.24
C LEU A 126 23.85 11.82 18.09
N GLN A 127 23.91 10.52 18.39
CA GLN A 127 25.00 9.99 19.18
C GLN A 127 26.31 10.06 18.41
N SER A 128 26.27 9.62 17.15
CA SER A 128 27.47 9.64 16.31
C SER A 128 27.88 11.09 16.07
N PHE A 129 26.95 12.01 16.28
CA PHE A 129 27.24 13.43 16.10
C PHE A 129 27.80 13.98 17.42
N GLY A 130 28.18 13.08 18.31
CA GLY A 130 28.74 13.48 19.59
C GLY A 130 27.72 14.26 20.40
N MET A 131 26.61 13.62 20.73
CA MET A 131 25.55 14.26 21.49
C MET A 131 24.86 13.23 22.39
N ASP A 132 24.72 13.56 23.68
CA ASP A 132 24.09 12.67 24.64
C ASP A 132 22.61 12.44 24.35
N VAL A 133 22.28 11.20 24.00
CA VAL A 133 20.90 10.85 23.69
C VAL A 133 20.38 9.72 24.57
N THR A 134 19.09 9.81 24.91
CA THR A 134 18.44 8.80 25.73
C THR A 134 17.07 8.46 25.15
N LEU A 135 16.78 7.16 25.06
CA LEU A 135 15.50 6.71 24.51
C LEU A 135 14.63 6.09 25.59
N LEU A 136 13.38 6.54 25.65
CA LEU A 136 12.44 6.04 26.64
C LEU A 136 11.39 5.17 25.95
N GLU A 137 11.42 3.87 26.24
CA GLU A 137 10.48 2.93 25.63
C GLU A 137 9.47 2.41 26.63
N ALA A 138 8.20 2.35 26.21
CA ALA A 138 7.13 1.86 27.06
C ALA A 138 7.13 0.33 27.07
N ARG A 139 7.47 -0.26 25.92
CA ARG A 139 7.51 -1.71 25.79
C ARG A 139 8.76 -2.26 26.44
N ASP A 140 8.79 -3.58 26.65
CA ASP A 140 9.94 -4.22 27.26
C ASP A 140 10.87 -4.71 26.15
N ARG A 141 10.80 -4.05 25.00
CA ARG A 141 11.62 -4.39 23.85
C ARG A 141 11.76 -3.20 22.91
N VAL A 142 12.46 -3.39 21.81
CA VAL A 142 12.67 -2.34 20.83
C VAL A 142 12.00 -2.75 19.51
N GLY A 143 11.98 -1.84 18.54
CA GLY A 143 11.37 -2.14 17.26
C GLY A 143 9.98 -1.55 17.10
N GLY A 144 9.26 -1.43 18.21
CA GLY A 144 7.92 -0.89 18.14
C GLY A 144 7.04 -1.66 17.18
N ARG A 145 6.57 -1.01 16.12
CA ARG A 145 5.72 -1.66 15.14
C ARG A 145 6.48 -2.69 14.30
N VAL A 146 7.63 -3.11 14.81
CA VAL A 146 8.45 -4.12 14.17
C VAL A 146 8.69 -5.18 15.23
N ALA A 147 7.84 -6.20 15.23
CA ALA A 147 7.94 -7.29 16.19
C ALA A 147 8.16 -8.61 15.47
N THR A 148 8.89 -9.51 16.12
CA THR A 148 9.18 -10.82 15.54
C THR A 148 9.09 -11.94 16.56
N PHE A 149 8.24 -12.91 16.28
CA PHE A 149 8.06 -14.07 17.17
C PHE A 149 9.23 -15.01 16.97
N ARG A 150 9.94 -15.31 18.05
CA ARG A 150 11.09 -16.21 17.99
C ARG A 150 11.05 -17.25 19.09
N LYS A 151 10.96 -18.51 18.69
CA LYS A 151 10.90 -19.62 19.64
C LYS A 151 11.45 -20.84 18.92
N GLY A 152 12.62 -21.32 19.35
CA GLY A 152 13.23 -22.47 18.71
C GLY A 152 13.66 -22.07 17.31
N ASN A 153 13.26 -22.85 16.31
CA ASN A 153 13.61 -22.54 14.93
C ASN A 153 12.46 -21.78 14.27
N TYR A 154 11.47 -21.42 15.07
CA TYR A 154 10.31 -20.69 14.58
C TYR A 154 10.55 -19.18 14.57
N VAL A 155 10.22 -18.56 13.44
CA VAL A 155 10.37 -17.11 13.28
C VAL A 155 9.18 -16.58 12.50
N ALA A 156 8.62 -15.45 12.95
CA ALA A 156 7.47 -14.85 12.29
C ALA A 156 7.30 -13.40 12.69
N ASP A 157 6.95 -12.55 11.71
CA ASP A 157 6.76 -11.13 11.96
C ASP A 157 5.29 -10.76 12.19
N LEU A 158 5.02 -10.14 13.33
CA LEU A 158 3.67 -9.71 13.68
C LEU A 158 3.48 -8.27 13.21
N GLY A 159 4.60 -7.60 12.95
CA GLY A 159 4.56 -6.22 12.48
C GLY A 159 5.03 -6.16 11.05
N ALA A 160 6.01 -5.30 10.77
CA ALA A 160 6.54 -5.18 9.41
C ALA A 160 7.07 -6.53 8.95
N MET A 161 7.13 -6.74 7.64
CA MET A 161 7.62 -8.02 7.11
C MET A 161 8.10 -7.91 5.67
N VAL A 162 7.86 -6.77 5.03
CA VAL A 162 8.27 -6.60 3.63
C VAL A 162 9.19 -5.41 3.37
N VAL A 163 10.06 -5.57 2.38
CA VAL A 163 11.00 -4.54 1.96
C VAL A 163 10.66 -4.18 0.52
N THR A 164 9.99 -3.04 0.34
CA THR A 164 9.56 -2.57 -0.98
C THR A 164 10.64 -2.19 -1.99
N GLY A 165 11.16 -3.20 -2.71
CA GLY A 165 12.19 -2.94 -3.72
C GLY A 165 13.45 -2.27 -3.22
N LEU A 166 14.58 -2.93 -3.42
CA LEU A 166 15.87 -2.41 -2.98
C LEU A 166 16.37 -1.18 -3.74
N GLY A 167 15.89 -0.99 -4.96
CA GLY A 167 16.32 0.15 -5.75
C GLY A 167 15.96 1.49 -5.13
N GLY A 168 16.95 2.14 -4.53
CA GLY A 168 16.70 3.43 -3.90
C GLY A 168 16.22 3.31 -2.47
N ASN A 169 15.94 2.08 -2.05
CA ASN A 169 15.48 1.82 -0.69
C ASN A 169 16.63 1.91 0.30
N PRO A 170 16.50 2.75 1.33
CA PRO A 170 17.56 2.91 2.33
C PRO A 170 17.82 1.61 3.10
N MET A 171 16.77 0.81 3.25
CA MET A 171 16.88 -0.46 3.96
C MET A 171 17.87 -1.39 3.27
N ALA A 172 18.12 -1.13 1.98
CA ALA A 172 19.05 -1.93 1.21
C ALA A 172 20.41 -1.87 1.89
N VAL A 173 20.75 -0.67 2.37
CA VAL A 173 22.02 -0.45 3.05
C VAL A 173 22.00 -1.14 4.41
N VAL A 174 20.95 -0.90 5.18
CA VAL A 174 20.80 -1.49 6.51
C VAL A 174 20.83 -3.02 6.41
N SER A 175 20.15 -3.55 5.40
CA SER A 175 20.11 -4.99 5.20
C SER A 175 21.53 -5.54 5.09
N LYS A 176 22.34 -4.88 4.27
CA LYS A 176 23.73 -5.29 4.07
C LYS A 176 24.52 -5.19 5.36
N GLN A 177 24.09 -4.30 6.26
CA GLN A 177 24.77 -4.08 7.52
C GLN A 177 24.45 -5.14 8.57
N VAL A 178 23.16 -5.37 8.83
CA VAL A 178 22.74 -6.34 9.84
C VAL A 178 22.66 -7.77 9.32
N ASN A 179 23.14 -7.98 8.10
CA ASN A 179 23.11 -9.31 7.48
C ASN A 179 21.69 -9.84 7.41
N MET A 180 20.76 -8.95 7.09
CA MET A 180 19.36 -9.30 6.97
C MET A 180 19.09 -10.17 5.75
N GLU A 181 18.66 -11.40 6.00
CA GLU A 181 18.36 -12.36 4.94
C GLU A 181 17.01 -12.04 4.30
N LEU A 182 17.04 -11.56 3.06
CA LEU A 182 15.82 -11.21 2.35
C LEU A 182 15.49 -12.23 1.25
N ALA A 183 14.25 -12.18 0.75
CA ALA A 183 13.82 -13.09 -0.30
C ALA A 183 12.62 -12.52 -1.06
N LYS A 184 12.67 -12.60 -2.38
CA LYS A 184 11.61 -12.10 -3.23
C LYS A 184 10.30 -12.86 -3.02
N ILE A 185 9.19 -12.23 -3.39
CA ILE A 185 7.88 -12.86 -3.26
C ILE A 185 7.41 -13.34 -4.63
N LYS A 186 7.29 -14.65 -4.77
CA LYS A 186 6.85 -15.26 -6.03
C LYS A 186 5.40 -14.82 -6.29
N GLN A 187 5.21 -14.02 -7.34
CA GLN A 187 3.90 -13.50 -7.70
C GLN A 187 2.78 -14.54 -7.82
N LYS A 188 3.14 -15.81 -7.95
CA LYS A 188 2.15 -16.86 -8.06
C LYS A 188 1.27 -16.88 -6.81
N CYS A 189 0.03 -16.43 -6.95
CA CYS A 189 -0.90 -16.40 -5.82
C CYS A 189 -2.26 -16.99 -6.19
N PRO A 190 -2.48 -18.27 -5.85
CA PRO A 190 -3.75 -18.95 -6.15
C PRO A 190 -4.87 -18.57 -5.19
N LEU A 191 -6.05 -18.28 -5.75
CA LEU A 191 -7.21 -17.90 -4.95
C LEU A 191 -8.20 -19.07 -4.82
N TYR A 192 -8.70 -19.27 -3.61
CA TYR A 192 -9.65 -20.34 -3.36
C TYR A 192 -10.94 -19.74 -2.81
N GLU A 193 -12.06 -20.12 -3.40
CA GLU A 193 -13.36 -19.59 -2.98
C GLU A 193 -13.77 -20.01 -1.58
N ALA A 194 -15.02 -19.71 -1.23
CA ALA A 194 -15.56 -20.02 0.08
C ALA A 194 -15.52 -21.51 0.39
N ASN A 195 -16.08 -22.32 -0.50
CA ASN A 195 -16.11 -23.78 -0.33
C ASN A 195 -14.71 -24.37 -0.25
N GLY A 196 -13.78 -23.87 -1.06
CA GLY A 196 -12.42 -24.38 -1.02
C GLY A 196 -11.79 -24.72 -2.35
N GLN A 197 -12.56 -24.58 -3.43
CA GLN A 197 -12.04 -24.88 -4.76
C GLN A 197 -11.39 -23.68 -5.42
N ALA A 198 -10.20 -23.91 -6.01
CA ALA A 198 -9.44 -22.86 -6.67
C ALA A 198 -10.23 -22.10 -7.73
N VAL A 199 -9.68 -20.97 -8.14
CA VAL A 199 -10.29 -20.12 -9.14
C VAL A 199 -9.52 -20.27 -10.45
N PRO A 200 -10.21 -20.69 -11.53
CA PRO A 200 -9.59 -20.87 -12.84
C PRO A 200 -8.79 -19.65 -13.26
N LYS A 201 -7.58 -19.89 -13.79
CA LYS A 201 -6.71 -18.81 -14.24
C LYS A 201 -7.48 -17.76 -15.03
N GLU A 202 -8.44 -18.21 -15.83
CA GLU A 202 -9.25 -17.30 -16.63
C GLU A 202 -9.88 -16.19 -15.81
N LYS A 203 -10.81 -16.55 -14.93
CA LYS A 203 -11.47 -15.55 -14.09
C LYS A 203 -10.50 -14.81 -13.20
N ASP A 204 -9.57 -15.55 -12.59
CA ASP A 204 -8.57 -14.95 -11.70
C ASP A 204 -7.97 -13.72 -12.34
N GLU A 205 -7.82 -13.75 -13.67
CA GLU A 205 -7.25 -12.63 -14.41
C GLU A 205 -8.36 -11.74 -14.97
N MET A 206 -9.49 -12.34 -15.31
CA MET A 206 -10.62 -11.59 -15.85
C MET A 206 -11.04 -10.54 -14.84
N VAL A 207 -11.20 -10.96 -13.58
CA VAL A 207 -11.60 -10.07 -12.50
C VAL A 207 -10.50 -9.08 -12.17
N GLU A 208 -9.27 -9.58 -11.97
CA GLU A 208 -8.16 -8.71 -11.64
C GLU A 208 -7.99 -7.60 -12.68
N GLN A 209 -8.33 -7.91 -13.93
CA GLN A 209 -8.22 -6.92 -15.00
C GLN A 209 -9.20 -5.80 -14.72
N GLU A 210 -10.43 -6.17 -14.38
CA GLU A 210 -11.46 -5.18 -14.07
C GLU A 210 -11.03 -4.36 -12.87
N PHE A 211 -10.48 -5.03 -11.87
CA PHE A 211 -10.01 -4.35 -10.67
C PHE A 211 -9.15 -3.15 -11.06
N ASN A 212 -8.22 -3.38 -11.98
CA ASN A 212 -7.33 -2.32 -12.43
C ASN A 212 -8.11 -1.26 -13.20
N ARG A 213 -9.09 -1.69 -13.98
CA ARG A 213 -9.89 -0.77 -14.77
C ARG A 213 -10.70 0.16 -13.88
N LEU A 214 -11.35 -0.40 -12.87
CA LEU A 214 -12.15 0.41 -11.95
C LEU A 214 -11.26 1.44 -11.23
N LEU A 215 -10.09 1.03 -10.79
CA LEU A 215 -9.17 1.94 -10.12
C LEU A 215 -8.77 3.05 -11.08
N GLU A 216 -8.37 2.66 -12.29
CA GLU A 216 -7.96 3.63 -13.29
C GLU A 216 -9.10 4.63 -13.45
N ALA A 217 -10.32 4.11 -13.55
CA ALA A 217 -11.50 4.96 -13.69
C ALA A 217 -11.56 6.01 -12.58
N THR A 218 -11.52 5.55 -11.33
CA THR A 218 -11.59 6.45 -10.19
C THR A 218 -10.47 7.50 -10.29
N SER A 219 -9.30 7.06 -10.78
CA SER A 219 -8.16 7.94 -10.94
C SER A 219 -8.47 9.01 -11.98
N TYR A 220 -9.19 8.61 -13.02
CA TYR A 220 -9.58 9.52 -14.09
C TYR A 220 -10.50 10.60 -13.53
N LEU A 221 -11.63 10.18 -12.96
CA LEU A 221 -12.60 11.10 -12.38
C LEU A 221 -11.95 12.06 -11.40
N SER A 222 -11.03 11.54 -10.59
CA SER A 222 -10.35 12.34 -9.58
C SER A 222 -9.30 13.32 -10.11
N HIS A 223 -8.32 12.81 -10.85
CA HIS A 223 -7.23 13.64 -11.36
C HIS A 223 -7.43 14.21 -12.76
N GLN A 224 -8.61 14.05 -13.34
CA GLN A 224 -8.88 14.56 -14.67
C GLN A 224 -10.15 15.39 -14.73
N LEU A 225 -11.21 14.88 -14.13
CA LEU A 225 -12.49 15.58 -14.12
C LEU A 225 -12.74 16.23 -12.76
N ASP A 226 -11.75 16.11 -11.88
CA ASP A 226 -11.82 16.69 -10.54
C ASP A 226 -13.11 16.35 -9.79
N PHE A 227 -13.34 15.05 -9.58
CA PHE A 227 -14.52 14.58 -8.86
C PHE A 227 -14.06 14.19 -7.45
N ASN A 228 -13.48 15.14 -6.74
CA ASN A 228 -12.97 14.90 -5.40
C ASN A 228 -13.87 15.45 -4.30
N VAL A 229 -14.88 16.21 -4.67
CA VAL A 229 -15.79 16.79 -3.69
C VAL A 229 -17.24 16.58 -4.11
N LEU A 230 -18.05 16.11 -3.16
CA LEU A 230 -19.47 15.86 -3.40
C LEU A 230 -20.25 16.17 -2.13
N ASN A 231 -21.28 17.00 -2.26
CA ASN A 231 -22.10 17.38 -1.11
C ASN A 231 -21.23 18.04 -0.04
N ASN A 232 -20.22 18.78 -0.50
CA ASN A 232 -19.31 19.49 0.39
C ASN A 232 -18.39 18.57 1.19
N LYS A 233 -18.61 17.27 1.08
CA LYS A 233 -17.79 16.29 1.79
C LYS A 233 -16.80 15.63 0.83
N PRO A 234 -15.59 15.32 1.31
CA PRO A 234 -14.56 14.68 0.47
C PRO A 234 -15.04 13.33 -0.04
N VAL A 235 -14.63 12.98 -1.25
CA VAL A 235 -15.02 11.71 -1.83
C VAL A 235 -13.97 10.66 -1.48
N SER A 236 -14.43 9.48 -1.08
CA SER A 236 -13.53 8.39 -0.73
C SER A 236 -13.32 7.45 -1.91
N LEU A 237 -12.19 6.77 -1.94
CA LEU A 237 -11.88 5.84 -3.01
C LEU A 237 -12.99 4.82 -3.15
N GLY A 238 -13.38 4.22 -2.03
CA GLY A 238 -14.44 3.23 -2.05
C GLY A 238 -15.71 3.84 -2.60
N GLN A 239 -16.01 5.04 -2.16
CA GLN A 239 -17.19 5.77 -2.61
C GLN A 239 -17.20 5.84 -4.13
N ALA A 240 -16.06 6.25 -4.70
CA ALA A 240 -15.92 6.37 -6.15
C ALA A 240 -16.11 5.02 -6.83
N LEU A 241 -15.44 4.00 -6.30
CA LEU A 241 -15.53 2.66 -6.85
C LEU A 241 -16.98 2.18 -6.95
N GLU A 242 -17.74 2.37 -5.87
CA GLU A 242 -19.13 1.96 -5.84
C GLU A 242 -19.89 2.64 -6.97
N VAL A 243 -19.51 3.88 -7.28
CA VAL A 243 -20.15 4.65 -8.34
C VAL A 243 -19.77 4.12 -9.72
N VAL A 244 -18.48 3.90 -9.93
CA VAL A 244 -17.99 3.38 -11.20
C VAL A 244 -18.63 2.03 -11.53
N ILE A 245 -18.75 1.19 -10.52
CA ILE A 245 -19.34 -0.14 -10.69
C ILE A 245 -20.83 0.03 -10.95
N GLN A 246 -21.40 1.06 -10.33
CA GLN A 246 -22.82 1.37 -10.47
C GLN A 246 -23.13 1.82 -11.89
N LEU A 247 -22.09 2.25 -12.61
CA LEU A 247 -22.26 2.71 -13.99
C LEU A 247 -22.13 1.54 -14.95
N GLN A 248 -21.19 0.64 -14.66
CA GLN A 248 -20.98 -0.53 -15.50
C GLN A 248 -22.23 -1.38 -15.49
N GLU A 249 -22.87 -1.46 -14.32
CA GLU A 249 -24.10 -2.24 -14.18
C GLU A 249 -25.16 -1.62 -15.09
N LYS A 250 -25.19 -0.29 -15.12
CA LYS A 250 -26.13 0.45 -15.95
C LYS A 250 -25.89 0.12 -17.41
N HIS A 251 -24.67 0.39 -17.88
CA HIS A 251 -24.30 0.13 -19.26
C HIS A 251 -24.72 -1.28 -19.69
N VAL A 252 -24.43 -2.27 -18.84
CA VAL A 252 -24.78 -3.65 -19.12
C VAL A 252 -26.27 -3.80 -19.38
N LYS A 253 -27.09 -3.20 -18.52
CA LYS A 253 -28.53 -3.28 -18.69
C LYS A 253 -28.95 -2.54 -19.95
N ASP A 254 -28.23 -1.48 -20.29
CA ASP A 254 -28.54 -0.70 -21.49
C ASP A 254 -28.42 -1.52 -22.77
N GLU A 255 -27.36 -2.31 -22.87
CA GLU A 255 -27.16 -3.15 -24.05
C GLU A 255 -28.14 -4.31 -24.02
N GLN A 256 -28.46 -4.77 -22.82
CA GLN A 256 -29.39 -5.86 -22.64
C GLN A 256 -30.77 -5.43 -23.12
N ILE A 257 -31.06 -4.14 -23.00
CA ILE A 257 -32.34 -3.59 -23.44
C ILE A 257 -32.38 -3.51 -24.96
N GLU A 258 -31.42 -2.79 -25.54
CA GLU A 258 -31.35 -2.64 -26.99
C GLU A 258 -31.45 -4.00 -27.66
N HIS A 259 -30.86 -5.01 -27.03
CA HIS A 259 -30.88 -6.36 -27.58
C HIS A 259 -32.28 -6.95 -27.49
N TRP A 260 -32.94 -6.76 -26.36
CA TRP A 260 -34.30 -7.27 -26.20
C TRP A 260 -35.23 -6.52 -27.14
N LYS A 261 -34.86 -5.29 -27.49
CA LYS A 261 -35.67 -4.48 -28.39
C LYS A 261 -35.54 -5.04 -29.80
N LYS A 262 -34.31 -5.37 -30.19
CA LYS A 262 -34.06 -5.92 -31.51
C LYS A 262 -34.86 -7.20 -31.65
N ILE A 263 -34.82 -8.03 -30.61
CA ILE A 263 -35.55 -9.29 -30.62
C ILE A 263 -37.02 -9.03 -30.85
N VAL A 264 -37.66 -8.35 -29.90
CA VAL A 264 -39.07 -8.03 -30.00
C VAL A 264 -39.44 -7.46 -31.37
N LYS A 265 -38.54 -6.65 -31.93
CA LYS A 265 -38.79 -6.05 -33.23
C LYS A 265 -38.85 -7.11 -34.33
N THR A 266 -37.81 -7.94 -34.38
CA THR A 266 -37.75 -9.02 -35.37
C THR A 266 -38.98 -9.92 -35.24
N GLN A 267 -39.38 -10.17 -34.00
CA GLN A 267 -40.54 -11.02 -33.73
C GLN A 267 -41.82 -10.38 -34.26
N GLU A 268 -41.90 -9.06 -34.14
CA GLU A 268 -43.07 -8.32 -34.62
C GLU A 268 -43.13 -8.41 -36.14
N GLU A 269 -42.00 -8.18 -36.78
CA GLU A 269 -41.93 -8.23 -38.24
C GLU A 269 -42.31 -9.61 -38.77
N LEU A 270 -42.04 -10.64 -37.99
CA LEU A 270 -42.38 -12.01 -38.38
C LEU A 270 -43.88 -12.23 -38.32
N LYS A 271 -44.46 -12.10 -37.13
CA LYS A 271 -45.89 -12.29 -36.94
C LYS A 271 -46.66 -11.57 -38.03
N GLU A 272 -46.15 -10.41 -38.44
CA GLU A 272 -46.78 -9.61 -39.48
C GLU A 272 -46.61 -10.27 -40.84
N LEU A 273 -45.38 -10.70 -41.12
CA LEU A 273 -45.07 -11.35 -42.39
C LEU A 273 -45.90 -12.62 -42.54
N LEU A 274 -45.95 -13.43 -41.49
CA LEU A 274 -46.72 -14.66 -41.51
C LEU A 274 -48.18 -14.37 -41.79
N ASN A 275 -48.66 -13.23 -41.32
CA ASN A 275 -50.05 -12.83 -41.51
C ASN A 275 -50.44 -12.78 -42.99
N LYS A 276 -49.79 -11.90 -43.74
CA LYS A 276 -50.12 -11.78 -45.16
C LYS A 276 -49.84 -13.08 -45.92
N MET A 277 -48.86 -13.85 -45.45
CA MET A 277 -48.55 -15.12 -46.09
C MET A 277 -49.78 -16.00 -46.02
N VAL A 278 -50.48 -15.95 -44.89
CA VAL A 278 -51.68 -16.74 -44.69
C VAL A 278 -52.83 -16.12 -45.49
N ASN A 279 -52.65 -14.86 -45.86
CA ASN A 279 -53.66 -14.16 -46.66
C ASN A 279 -53.42 -14.45 -48.13
N LEU A 280 -52.16 -14.68 -48.48
CA LEU A 280 -51.80 -15.00 -49.86
C LEU A 280 -52.00 -16.51 -50.01
N LYS A 281 -51.87 -17.21 -48.89
CA LYS A 281 -52.06 -18.66 -48.84
C LYS A 281 -53.53 -18.90 -49.19
N GLU A 282 -54.35 -17.94 -48.80
CA GLU A 282 -55.79 -17.99 -49.04
C GLU A 282 -56.10 -17.43 -50.42
N LYS A 283 -55.29 -16.48 -50.86
CA LYS A 283 -55.47 -15.86 -52.17
C LYS A 283 -55.18 -16.87 -53.28
N ILE A 284 -54.48 -17.94 -52.92
CA ILE A 284 -54.14 -18.99 -53.88
C ILE A 284 -55.33 -19.93 -54.07
N LYS A 285 -56.04 -20.20 -52.98
CA LYS A 285 -57.21 -21.08 -53.02
C LYS A 285 -58.25 -20.48 -53.96
N GLU A 286 -58.15 -19.18 -54.20
CA GLU A 286 -59.08 -18.48 -55.08
C GLU A 286 -58.74 -18.75 -56.54
N LEU A 287 -57.51 -19.16 -56.78
CA LEU A 287 -57.07 -19.45 -58.15
C LEU A 287 -56.71 -20.91 -58.40
N HIS A 288 -56.12 -21.57 -57.40
CA HIS A 288 -55.76 -22.98 -57.59
C HIS A 288 -57.06 -23.76 -57.78
N GLN A 289 -58.16 -23.01 -57.68
CA GLN A 289 -59.51 -23.52 -57.87
C GLN A 289 -60.13 -22.56 -58.87
N GLN A 290 -61.33 -22.88 -59.35
CA GLN A 290 -62.00 -22.02 -60.33
C GLN A 290 -61.46 -22.26 -61.75
N TYR A 291 -60.41 -23.05 -61.86
CA TYR A 291 -59.79 -23.34 -63.15
C TYR A 291 -60.54 -24.40 -63.95
N LYS A 292 -60.23 -24.49 -65.23
CA LYS A 292 -60.87 -25.44 -66.13
C LYS A 292 -62.38 -25.19 -66.16
N GLU A 293 -62.76 -23.95 -65.87
CA GLU A 293 -64.16 -23.57 -65.86
C GLU A 293 -64.46 -22.58 -66.98
N ASP A 302 -66.01 -22.00 -70.36
CA ASP A 302 -65.42 -20.99 -71.28
C ASP A 302 -64.72 -21.69 -72.46
N ILE A 303 -65.35 -21.62 -73.62
CA ILE A 303 -64.80 -22.25 -74.82
C ILE A 303 -63.48 -21.61 -75.25
N THR A 304 -63.17 -20.44 -74.67
CA THR A 304 -61.94 -19.72 -74.97
C THR A 304 -60.88 -20.13 -73.95
N ALA A 305 -61.07 -21.32 -73.38
CA ALA A 305 -60.14 -21.86 -72.38
C ALA A 305 -58.68 -21.81 -72.84
N GLU A 306 -58.47 -21.77 -74.15
CA GLU A 306 -57.12 -21.73 -74.70
C GLU A 306 -56.41 -20.45 -74.26
N PHE A 307 -57.19 -19.46 -73.84
CA PHE A 307 -56.65 -18.19 -73.39
C PHE A 307 -57.04 -17.97 -71.93
N LEU A 308 -57.98 -18.78 -71.44
CA LEU A 308 -58.45 -18.69 -70.07
C LEU A 308 -57.40 -19.21 -69.11
N VAL A 309 -57.21 -20.52 -69.10
CA VAL A 309 -56.21 -21.14 -68.22
C VAL A 309 -54.82 -20.64 -68.61
N LYS A 310 -54.72 -20.06 -69.80
CA LYS A 310 -53.46 -19.53 -70.30
C LYS A 310 -53.10 -18.27 -69.49
N SER A 311 -54.04 -17.33 -69.42
CA SER A 311 -53.84 -16.09 -68.68
C SER A 311 -53.81 -16.39 -67.19
N LYS A 312 -54.82 -17.11 -66.72
CA LYS A 312 -54.92 -17.48 -65.32
C LYS A 312 -53.62 -18.10 -64.82
N HIS A 313 -52.97 -18.88 -65.68
CA HIS A 313 -51.72 -19.52 -65.31
C HIS A 313 -50.70 -18.50 -64.80
N ARG A 314 -50.39 -17.50 -65.61
CA ARG A 314 -49.43 -16.49 -65.20
C ARG A 314 -49.97 -15.63 -64.05
N ASP A 315 -51.20 -15.92 -63.63
CA ASP A 315 -51.82 -15.20 -62.52
C ASP A 315 -51.62 -15.99 -61.24
N LEU A 316 -51.77 -17.31 -61.35
CA LEU A 316 -51.60 -18.19 -60.20
C LEU A 316 -50.11 -18.33 -59.91
N THR A 317 -49.30 -18.29 -60.96
CA THR A 317 -47.85 -18.41 -60.81
C THR A 317 -47.29 -17.13 -60.21
N ALA A 318 -47.84 -16.00 -60.64
CA ALA A 318 -47.40 -14.69 -60.15
C ALA A 318 -47.64 -14.57 -58.64
N LEU A 319 -48.69 -15.24 -58.16
CA LEU A 319 -49.02 -15.22 -56.75
C LEU A 319 -48.15 -16.21 -55.99
N CYS A 320 -47.48 -17.08 -56.73
CA CYS A 320 -46.59 -18.08 -56.14
C CYS A 320 -45.18 -17.50 -56.23
N LYS A 321 -45.03 -16.51 -57.09
CA LYS A 321 -43.76 -15.83 -57.28
C LYS A 321 -43.65 -14.83 -56.14
N GLU A 322 -44.63 -14.88 -55.24
CA GLU A 322 -44.69 -14.00 -54.09
C GLU A 322 -44.64 -14.80 -52.80
N TYR A 323 -45.52 -15.78 -52.67
CA TYR A 323 -45.58 -16.61 -51.46
C TYR A 323 -44.21 -17.19 -51.12
N ASP A 324 -43.76 -18.17 -51.90
CA ASP A 324 -42.45 -18.77 -51.66
C ASP A 324 -41.35 -17.72 -51.78
N GLU A 325 -41.73 -16.54 -52.27
CA GLU A 325 -40.79 -15.44 -52.41
C GLU A 325 -40.63 -14.77 -51.07
N LEU A 326 -41.74 -14.56 -50.37
CA LEU A 326 -41.73 -13.93 -49.06
C LEU A 326 -40.97 -14.84 -48.09
N ALA A 327 -40.96 -16.13 -48.39
CA ALA A 327 -40.25 -17.11 -47.57
C ALA A 327 -38.77 -16.74 -47.57
N GLU A 328 -38.34 -16.06 -48.63
CA GLU A 328 -36.95 -15.64 -48.76
C GLU A 328 -36.68 -14.50 -47.79
N THR A 329 -37.43 -13.40 -47.94
CA THR A 329 -37.28 -12.25 -47.08
C THR A 329 -37.74 -12.58 -45.66
N GLN A 330 -38.33 -13.76 -45.51
CA GLN A 330 -38.79 -14.22 -44.21
C GLN A 330 -37.67 -15.07 -43.62
N GLY A 331 -36.88 -15.67 -44.50
CA GLY A 331 -35.77 -16.49 -44.08
C GLY A 331 -34.69 -15.64 -43.45
N LYS A 332 -34.48 -14.46 -44.03
CA LYS A 332 -33.46 -13.53 -43.54
C LYS A 332 -33.85 -13.00 -42.16
N LEU A 333 -34.95 -13.52 -41.61
CA LEU A 333 -35.42 -13.12 -40.29
C LEU A 333 -35.20 -14.18 -39.22
N GLU A 334 -35.52 -15.44 -39.55
CA GLU A 334 -35.33 -16.52 -38.58
C GLU A 334 -33.85 -16.57 -38.25
N GLU A 335 -33.02 -16.22 -39.22
CA GLU A 335 -31.57 -16.20 -39.04
C GLU A 335 -31.22 -15.14 -38.01
N LYS A 336 -31.62 -13.91 -38.30
CA LYS A 336 -31.36 -12.80 -37.40
C LYS A 336 -31.96 -13.07 -36.03
N LEU A 337 -33.16 -13.66 -36.02
CA LEU A 337 -33.85 -13.97 -34.78
C LEU A 337 -33.01 -14.93 -33.93
N GLN A 338 -32.70 -16.09 -34.49
CA GLN A 338 -31.91 -17.10 -33.79
C GLN A 338 -30.49 -16.61 -33.53
N GLU A 339 -29.96 -15.82 -34.46
CA GLU A 339 -28.60 -15.29 -34.33
C GLU A 339 -28.48 -14.38 -33.11
N LEU A 340 -29.50 -13.56 -32.87
CA LEU A 340 -29.50 -12.65 -31.74
C LEU A 340 -29.72 -13.37 -30.42
N GLU A 341 -30.76 -14.21 -30.37
CA GLU A 341 -31.08 -14.97 -29.17
C GLU A 341 -30.02 -16.01 -28.84
N ALA A 342 -28.92 -15.97 -29.59
CA ALA A 342 -27.81 -16.90 -29.39
C ALA A 342 -26.54 -16.14 -29.05
N ASN A 343 -26.60 -14.80 -29.12
CA ASN A 343 -25.46 -13.95 -28.81
C ASN A 343 -25.85 -12.82 -27.85
N PRO A 344 -26.57 -13.15 -26.77
CA PRO A 344 -26.99 -12.14 -25.78
C PRO A 344 -25.82 -11.50 -25.06
N PRO A 345 -25.84 -10.17 -24.90
CA PRO A 345 -24.75 -9.48 -24.21
C PRO A 345 -24.67 -9.95 -22.75
N SER A 346 -23.59 -9.60 -22.07
CA SER A 346 -23.41 -9.99 -20.68
C SER A 346 -24.68 -9.74 -19.87
N ASP A 347 -25.28 -10.81 -19.35
CA ASP A 347 -26.50 -10.68 -18.56
C ASP A 347 -26.33 -9.69 -17.41
N VAL A 348 -25.16 -9.70 -16.80
CA VAL A 348 -24.84 -8.81 -15.70
C VAL A 348 -23.37 -8.42 -15.74
N TYR A 349 -23.02 -7.35 -15.03
CA TYR A 349 -21.64 -6.89 -15.00
C TYR A 349 -20.75 -7.93 -14.35
N LEU A 350 -21.08 -8.30 -13.12
CA LEU A 350 -20.32 -9.29 -12.39
C LEU A 350 -21.29 -10.19 -11.63
N SER A 351 -21.15 -11.50 -11.81
CA SER A 351 -22.02 -12.46 -11.13
C SER A 351 -21.80 -12.35 -9.63
N SER A 352 -22.68 -13.00 -8.86
CA SER A 352 -22.57 -12.98 -7.41
C SER A 352 -21.19 -13.47 -7.01
N ARG A 353 -20.64 -14.40 -7.79
CA ARG A 353 -19.32 -14.95 -7.52
C ARG A 353 -18.23 -14.01 -8.03
N ASP A 354 -18.47 -13.37 -9.16
CA ASP A 354 -17.49 -12.44 -9.72
C ASP A 354 -17.23 -11.33 -8.71
N ARG A 355 -18.30 -10.85 -8.07
CA ARG A 355 -18.20 -9.80 -7.08
C ARG A 355 -17.36 -10.26 -5.89
N GLN A 356 -17.56 -11.50 -5.48
CA GLN A 356 -16.82 -12.06 -4.36
C GLN A 356 -15.31 -12.05 -4.62
N ILE A 357 -14.92 -12.41 -5.83
CA ILE A 357 -13.51 -12.44 -6.20
C ILE A 357 -12.96 -11.01 -6.25
N LEU A 358 -13.76 -10.09 -6.76
CA LEU A 358 -13.34 -8.69 -6.85
C LEU A 358 -13.15 -8.10 -5.46
N ASP A 359 -13.98 -8.54 -4.51
CA ASP A 359 -13.88 -8.06 -3.13
C ASP A 359 -12.53 -8.45 -2.54
N TRP A 360 -11.95 -9.51 -3.07
CA TRP A 360 -10.65 -9.99 -2.60
C TRP A 360 -9.57 -8.97 -2.97
N HIS A 361 -9.70 -8.40 -4.16
CA HIS A 361 -8.74 -7.41 -4.64
C HIS A 361 -8.89 -6.10 -3.88
N PHE A 362 -10.12 -5.79 -3.48
CA PHE A 362 -10.37 -4.57 -2.72
C PHE A 362 -9.84 -4.80 -1.31
N ALA A 363 -10.12 -5.98 -0.78
CA ALA A 363 -9.67 -6.36 0.56
C ALA A 363 -8.15 -6.34 0.56
N ASN A 364 -7.56 -6.72 -0.57
CA ASN A 364 -6.12 -6.75 -0.71
C ASN A 364 -5.60 -5.32 -0.67
N LEU A 365 -6.45 -4.38 -1.07
CA LEU A 365 -6.10 -2.98 -1.07
C LEU A 365 -6.27 -2.46 0.36
N GLU A 366 -7.40 -2.82 0.97
CA GLU A 366 -7.70 -2.40 2.34
C GLU A 366 -6.56 -2.89 3.24
N PHE A 367 -5.81 -3.87 2.74
CA PHE A 367 -4.69 -4.42 3.46
C PHE A 367 -3.49 -3.48 3.29
N ALA A 368 -3.21 -3.11 2.05
CA ALA A 368 -2.10 -2.24 1.72
C ALA A 368 -2.19 -0.89 2.43
N ASN A 369 -3.38 -0.30 2.42
CA ASN A 369 -3.59 0.99 3.06
C ASN A 369 -3.95 0.80 4.52
N ALA A 370 -4.22 -0.45 4.90
CA ALA A 370 -4.59 -0.79 6.27
C ALA A 370 -5.83 -0.06 6.75
N THR A 371 -6.81 0.09 5.86
CA THR A 371 -8.04 0.77 6.22
C THR A 371 -9.10 0.58 5.14
N PRO A 372 -10.39 0.68 5.51
CA PRO A 372 -11.48 0.52 4.53
C PRO A 372 -11.40 1.57 3.43
N LEU A 373 -11.64 1.15 2.19
CA LEU A 373 -11.59 2.04 1.04
C LEU A 373 -12.47 3.27 1.22
N SER A 374 -13.60 3.10 1.89
CA SER A 374 -14.54 4.19 2.12
C SER A 374 -13.97 5.31 2.98
N THR A 375 -12.76 5.12 3.50
CA THR A 375 -12.13 6.13 4.34
C THR A 375 -10.91 6.77 3.68
N LEU A 376 -10.50 6.21 2.54
CA LEU A 376 -9.35 6.72 1.81
C LEU A 376 -9.69 7.95 0.97
N SER A 377 -8.72 8.85 0.86
CA SER A 377 -8.90 10.07 0.08
C SER A 377 -8.78 9.72 -1.41
N LEU A 378 -9.91 9.71 -2.10
CA LEU A 378 -9.94 9.40 -3.52
C LEU A 378 -8.82 10.10 -4.28
N LYS A 379 -8.51 11.33 -3.89
CA LYS A 379 -7.48 12.11 -4.55
C LYS A 379 -6.06 11.94 -4.05
N HIS A 380 -5.89 11.77 -2.74
CA HIS A 380 -4.55 11.65 -2.16
C HIS A 380 -4.16 10.30 -1.57
N TRP A 381 -5.08 9.34 -1.56
CA TRP A 381 -4.76 8.04 -0.97
C TRP A 381 -3.47 7.44 -1.54
N ASP A 382 -3.21 7.69 -2.81
CA ASP A 382 -2.01 7.18 -3.47
C ASP A 382 -1.04 8.30 -3.80
N GLN A 383 -1.02 9.31 -2.95
CA GLN A 383 -0.17 10.48 -3.11
C GLN A 383 1.33 10.16 -3.19
N ASP A 384 1.79 9.20 -2.40
CA ASP A 384 3.20 8.82 -2.38
C ASP A 384 3.62 7.86 -3.48
N ASP A 385 2.68 7.51 -4.35
CA ASP A 385 2.96 6.59 -5.44
C ASP A 385 4.18 6.97 -6.27
N ASP A 386 4.34 8.26 -6.52
CA ASP A 386 5.46 8.76 -7.32
C ASP A 386 6.80 8.68 -6.60
N PHE A 387 6.91 7.82 -5.59
CA PHE A 387 8.14 7.69 -4.83
C PHE A 387 8.54 6.24 -4.56
N GLU A 388 7.87 5.30 -5.23
CA GLU A 388 8.17 3.89 -5.04
C GLU A 388 9.60 3.56 -5.47
N PHE A 389 10.11 2.44 -4.98
CA PHE A 389 11.46 2.01 -5.32
C PHE A 389 11.38 0.94 -6.40
N THR A 390 12.41 0.86 -7.24
CA THR A 390 12.42 -0.13 -8.30
C THR A 390 12.92 -1.46 -7.72
N GLY A 391 12.54 -2.56 -8.35
CA GLY A 391 12.95 -3.87 -7.87
C GLY A 391 11.80 -4.68 -7.29
N SER A 392 12.05 -5.97 -7.05
CA SER A 392 11.03 -6.85 -6.50
C SER A 392 10.92 -6.66 -5.00
N HIS A 393 9.70 -6.77 -4.48
CA HIS A 393 9.48 -6.63 -3.05
C HIS A 393 10.10 -7.86 -2.37
N LEU A 394 10.56 -7.69 -1.14
CA LEU A 394 11.20 -8.79 -0.42
C LEU A 394 10.57 -9.06 0.93
N THR A 395 10.96 -10.19 1.52
CA THR A 395 10.47 -10.60 2.83
C THR A 395 11.66 -10.91 3.72
N VAL A 396 11.56 -10.57 5.00
CA VAL A 396 12.65 -10.82 5.92
C VAL A 396 12.62 -12.28 6.39
N ARG A 397 13.26 -13.14 5.61
CA ARG A 397 13.33 -14.56 5.88
C ARG A 397 13.74 -14.90 7.31
N ASN A 398 14.51 -14.02 7.95
CA ASN A 398 14.97 -14.27 9.31
C ASN A 398 14.44 -13.32 10.38
N GLY A 399 13.23 -12.80 10.18
CA GLY A 399 12.65 -11.88 11.16
C GLY A 399 13.14 -10.46 11.01
N TYR A 400 12.21 -9.54 10.78
CA TYR A 400 12.53 -8.14 10.58
C TYR A 400 13.06 -7.47 11.86
N SER A 401 12.99 -8.18 12.99
CA SER A 401 13.46 -7.63 14.26
C SER A 401 14.99 -7.54 14.33
N CYS A 402 15.68 -8.27 13.45
CA CYS A 402 17.13 -8.26 13.45
C CYS A 402 17.69 -6.86 13.14
N VAL A 403 16.84 -5.99 12.62
CA VAL A 403 17.24 -4.63 12.28
C VAL A 403 17.20 -3.68 13.48
N PRO A 404 16.01 -3.44 14.05
CA PRO A 404 15.93 -2.54 15.19
C PRO A 404 16.84 -2.97 16.33
N VAL A 405 17.08 -4.27 16.45
CA VAL A 405 17.95 -4.79 17.49
C VAL A 405 19.38 -4.30 17.28
N ALA A 406 19.89 -4.51 16.07
CA ALA A 406 21.24 -4.08 15.72
C ALA A 406 21.39 -2.58 15.88
N LEU A 407 20.30 -1.85 15.66
CA LEU A 407 20.30 -0.40 15.76
C LEU A 407 20.36 0.07 17.21
N ALA A 408 19.77 -0.71 18.12
CA ALA A 408 19.75 -0.36 19.53
C ALA A 408 21.07 -0.68 20.23
N GLU A 409 22.02 -1.22 19.48
CA GLU A 409 23.31 -1.59 20.04
C GLU A 409 24.18 -0.39 20.41
N GLY A 410 24.50 -0.28 21.69
CA GLY A 410 25.34 0.81 22.16
C GLY A 410 24.55 2.04 22.56
N LEU A 411 23.23 1.96 22.45
CA LEU A 411 22.37 3.08 22.81
C LEU A 411 21.89 2.98 24.25
N ASP A 412 21.47 4.12 24.79
CA ASP A 412 20.95 4.18 26.15
C ASP A 412 19.43 4.15 26.10
N ILE A 413 18.88 2.94 26.05
CA ILE A 413 17.44 2.75 25.98
C ILE A 413 16.89 2.26 27.32
N LYS A 414 15.88 2.95 27.82
CA LYS A 414 15.28 2.58 29.09
C LYS A 414 13.89 1.99 28.92
N LEU A 415 13.83 0.70 28.65
CA LEU A 415 12.57 0.00 28.44
C LEU A 415 11.70 0.07 29.68
N ASN A 416 10.42 -0.28 29.53
CA ASN A 416 9.46 -0.26 30.63
C ASN A 416 9.33 1.14 31.20
N THR A 417 9.38 2.13 30.31
CA THR A 417 9.27 3.54 30.70
C THR A 417 8.26 4.25 29.80
N ALA A 418 7.04 4.43 30.30
CA ALA A 418 6.00 5.10 29.55
C ALA A 418 5.92 6.59 29.84
N VAL A 419 6.21 7.41 28.83
CA VAL A 419 6.15 8.85 28.98
C VAL A 419 4.69 9.29 29.11
N ARG A 420 4.40 10.10 30.13
CA ARG A 420 3.04 10.57 30.35
C ARG A 420 2.89 12.08 30.20
N GLN A 421 4.01 12.79 30.07
CA GLN A 421 3.95 14.24 29.90
C GLN A 421 5.25 14.83 29.39
N VAL A 422 5.14 15.69 28.39
CA VAL A 422 6.29 16.35 27.81
C VAL A 422 6.16 17.86 28.04
N ARG A 423 7.14 18.42 28.74
CA ARG A 423 7.14 19.84 29.05
C ARG A 423 8.24 20.54 28.25
N TYR A 424 7.87 21.55 27.48
CA TYR A 424 8.83 22.30 26.69
C TYR A 424 8.64 23.79 26.91
N THR A 425 9.67 24.42 27.47
CA THR A 425 9.63 25.85 27.73
C THR A 425 10.55 26.60 26.77
N ALA A 426 10.53 27.93 26.87
CA ALA A 426 11.36 28.77 26.02
C ALA A 426 12.82 28.36 26.10
N SER A 427 13.18 27.68 27.20
CA SER A 427 14.56 27.23 27.40
C SER A 427 14.63 25.97 28.25
N GLY A 428 14.70 24.82 27.59
CA GLY A 428 14.78 23.56 28.29
C GLY A 428 13.54 22.69 28.14
N CYS A 429 13.69 21.40 28.37
CA CYS A 429 12.58 20.46 28.26
C CYS A 429 12.54 19.47 29.42
N GLU A 430 11.35 18.99 29.74
CA GLU A 430 11.16 18.02 30.81
C GLU A 430 10.24 16.90 30.33
N VAL A 431 10.72 15.68 30.40
CA VAL A 431 9.92 14.53 29.97
C VAL A 431 9.61 13.63 31.16
N ILE A 432 8.41 13.78 31.71
CA ILE A 432 7.99 12.97 32.84
C ILE A 432 7.43 11.63 32.36
N ALA A 433 8.01 10.55 32.86
CA ALA A 433 7.58 9.21 32.49
C ALA A 433 7.41 8.34 33.72
N VAL A 434 6.75 7.19 33.55
CA VAL A 434 6.51 6.27 34.66
C VAL A 434 6.89 4.85 34.27
N ASN A 435 7.30 4.07 35.25
CA ASN A 435 7.68 2.68 35.00
C ASN A 435 6.42 1.85 34.83
N THR A 436 6.35 1.11 33.72
CA THR A 436 5.18 0.28 33.45
C THR A 436 5.04 -0.82 34.51
N ARG A 437 6.14 -1.52 34.79
CA ARG A 437 6.15 -2.59 35.77
C ARG A 437 5.77 -2.12 37.18
N SER A 438 5.87 -0.83 37.41
CA SER A 438 5.54 -0.26 38.72
C SER A 438 5.16 1.21 38.55
N THR A 439 3.91 1.45 38.15
CA THR A 439 3.39 2.80 37.92
C THR A 439 3.51 3.72 39.12
N SER A 440 4.02 3.20 40.23
CA SER A 440 4.19 4.00 41.45
C SER A 440 5.37 4.94 41.27
N GLN A 441 6.52 4.37 40.94
CA GLN A 441 7.74 5.15 40.74
C GLN A 441 7.73 5.86 39.39
N THR A 442 7.95 7.17 39.41
CA THR A 442 7.98 7.95 38.18
C THR A 442 9.40 8.38 37.89
N PHE A 443 9.57 9.09 36.77
CA PHE A 443 10.90 9.57 36.37
C PHE A 443 10.75 10.96 35.75
N ILE A 444 11.82 11.74 35.84
CA ILE A 444 11.81 13.09 35.28
C ILE A 444 13.13 13.35 34.58
N TYR A 445 13.10 13.30 33.25
CA TYR A 445 14.29 13.52 32.45
C TYR A 445 14.31 14.93 31.87
N LYS A 446 15.39 15.66 32.15
CA LYS A 446 15.54 17.01 31.63
C LYS A 446 16.41 16.97 30.38
N CYS A 447 16.17 17.90 29.47
CA CYS A 447 16.93 17.96 28.22
C CYS A 447 16.73 19.28 27.50
N ASP A 448 17.44 19.45 26.39
CA ASP A 448 17.36 20.67 25.60
C ASP A 448 16.29 20.53 24.52
N ALA A 449 16.22 19.35 23.90
CA ALA A 449 15.25 19.09 22.85
C ALA A 449 14.60 17.74 23.06
N VAL A 450 13.38 17.58 22.55
CA VAL A 450 12.66 16.32 22.68
C VAL A 450 12.20 15.85 21.30
N LEU A 451 12.50 14.58 21.00
CA LEU A 451 12.10 13.99 19.72
C LEU A 451 10.98 12.99 20.00
N CYS A 452 9.78 13.32 19.53
CA CYS A 452 8.61 12.47 19.74
C CYS A 452 8.29 11.56 18.56
N THR A 453 8.68 10.29 18.67
CA THR A 453 8.42 9.34 17.61
C THR A 453 7.19 8.50 17.95
N LEU A 454 6.29 9.08 18.74
CA LEU A 454 5.07 8.40 19.14
C LEU A 454 4.17 8.16 17.93
N PRO A 455 3.55 6.96 17.85
CA PRO A 455 2.66 6.60 16.75
C PRO A 455 1.47 7.55 16.67
N LEU A 456 1.01 7.83 15.45
CA LEU A 456 -0.13 8.72 15.25
C LEU A 456 -1.32 8.26 16.08
N GLY A 457 -1.44 6.94 16.25
CA GLY A 457 -2.54 6.39 17.02
C GLY A 457 -2.53 6.80 18.47
N VAL A 458 -1.33 7.02 19.01
CA VAL A 458 -1.21 7.44 20.40
C VAL A 458 -1.52 8.93 20.50
N LEU A 459 -1.03 9.68 19.52
CA LEU A 459 -1.26 11.12 19.49
C LEU A 459 -2.73 11.46 19.31
N LYS A 460 -3.48 10.53 18.72
CA LYS A 460 -4.92 10.75 18.50
C LYS A 460 -5.72 10.29 19.71
N GLN A 461 -5.15 9.36 20.46
CA GLN A 461 -5.81 8.80 21.64
C GLN A 461 -6.55 9.83 22.48
N GLN A 462 -7.76 9.47 22.89
CA GLN A 462 -8.63 10.32 23.70
C GLN A 462 -9.30 9.48 24.79
N PRO A 463 -9.01 9.78 26.07
CA PRO A 463 -8.10 10.82 26.58
C PRO A 463 -6.66 10.63 26.10
N PRO A 464 -5.87 11.71 26.05
CA PRO A 464 -4.49 11.66 25.61
C PRO A 464 -3.59 10.75 26.44
N ALA A 465 -2.75 9.98 25.76
CA ALA A 465 -1.84 9.07 26.43
C ALA A 465 -0.71 9.86 27.09
N VAL A 466 -0.27 10.92 26.40
CA VAL A 466 0.79 11.77 26.93
C VAL A 466 0.30 13.21 26.92
N GLN A 467 0.73 14.00 27.90
CA GLN A 467 0.31 15.38 28.00
C GLN A 467 1.41 16.34 27.53
N PHE A 468 1.03 17.29 26.69
CA PHE A 468 1.97 18.28 26.19
C PHE A 468 1.73 19.63 26.85
N VAL A 469 2.77 20.17 27.47
CA VAL A 469 2.67 21.45 28.15
C VAL A 469 3.82 22.38 27.72
N PRO A 470 3.49 23.51 27.06
CA PRO A 470 2.13 23.94 26.71
C PRO A 470 1.43 22.97 25.75
N PRO A 471 0.10 23.07 25.64
CA PRO A 471 -0.66 22.20 24.75
C PRO A 471 -0.19 22.36 23.30
N LEU A 472 -0.22 21.27 22.53
CA LEU A 472 0.21 21.31 21.15
C LEU A 472 -0.57 22.35 20.34
N PRO A 473 0.14 23.05 19.43
CA PRO A 473 -0.48 24.08 18.59
C PRO A 473 -1.76 23.59 17.94
N GLU A 474 -2.64 24.53 17.57
CA GLU A 474 -3.90 24.18 16.94
C GLU A 474 -3.68 23.57 15.56
N TRP A 475 -2.73 24.14 14.81
CA TRP A 475 -2.44 23.64 13.47
C TRP A 475 -1.88 22.23 13.52
N LYS A 476 -1.46 21.79 14.71
CA LYS A 476 -0.91 20.46 14.90
C LYS A 476 -2.02 19.46 15.26
N THR A 477 -2.75 19.76 16.33
CA THR A 477 -3.82 18.89 16.78
C THR A 477 -4.80 18.60 15.65
N SER A 478 -5.14 19.66 14.90
CA SER A 478 -6.06 19.53 13.77
C SER A 478 -5.52 18.55 12.74
N ALA A 479 -4.24 18.68 12.41
CA ALA A 479 -3.61 17.79 11.44
C ALA A 479 -3.68 16.35 11.95
N VAL A 480 -3.38 16.18 13.23
CA VAL A 480 -3.42 14.86 13.84
C VAL A 480 -4.82 14.26 13.71
N GLN A 481 -5.84 15.07 13.95
CA GLN A 481 -7.22 14.62 13.85
C GLN A 481 -7.67 14.32 12.43
N ARG A 482 -7.18 15.10 11.47
CA ARG A 482 -7.57 14.89 10.08
C ARG A 482 -6.95 13.63 9.49
N MET A 483 -5.69 13.38 9.84
CA MET A 483 -5.00 12.21 9.33
C MET A 483 -5.68 10.93 9.78
N GLY A 484 -5.42 9.84 9.05
CA GLY A 484 -6.02 8.57 9.39
C GLY A 484 -4.97 7.55 9.81
N PHE A 485 -5.30 6.75 10.82
CA PHE A 485 -4.38 5.74 11.31
C PHE A 485 -5.08 4.39 11.17
N GLY A 486 -4.67 3.62 10.17
CA GLY A 486 -5.28 2.33 9.92
C GLY A 486 -5.00 1.23 10.92
N ASN A 487 -5.48 0.03 10.59
CA ASN A 487 -5.30 -1.15 11.43
C ASN A 487 -5.11 -2.37 10.56
N LEU A 488 -4.40 -3.37 11.09
CA LEU A 488 -4.13 -4.60 10.37
C LEU A 488 -3.48 -5.61 11.30
N ASN A 489 -4.11 -6.78 11.44
CA ASN A 489 -3.58 -7.82 12.32
C ASN A 489 -3.25 -9.10 11.56
N LYS A 490 -2.46 -9.94 12.19
CA LYS A 490 -2.06 -11.20 11.59
C LYS A 490 -2.24 -12.35 12.58
N VAL A 491 -2.26 -13.56 12.06
CA VAL A 491 -2.41 -14.76 12.87
C VAL A 491 -1.30 -15.72 12.47
N VAL A 492 -0.31 -15.88 13.35
CA VAL A 492 0.80 -16.77 13.09
C VAL A 492 0.46 -18.20 13.48
N LEU A 493 0.37 -19.08 12.49
CA LEU A 493 0.04 -20.48 12.74
C LEU A 493 1.29 -21.32 12.61
N CYS A 494 1.79 -21.81 13.73
CA CYS A 494 2.98 -22.65 13.74
C CYS A 494 2.63 -24.13 13.76
N PHE A 495 3.10 -24.84 12.73
CA PHE A 495 2.87 -26.26 12.60
C PHE A 495 4.18 -27.02 12.71
N ASP A 496 4.07 -28.35 12.66
CA ASP A 496 5.24 -29.21 12.73
C ASP A 496 5.20 -30.06 11.47
N ARG A 497 4.58 -29.50 10.43
CA ARG A 497 4.41 -30.21 9.17
C ARG A 497 3.95 -29.23 8.10
N VAL A 498 4.56 -29.28 6.93
CA VAL A 498 4.18 -28.39 5.84
C VAL A 498 3.20 -29.08 4.90
N PHE A 499 1.91 -28.89 5.15
CA PHE A 499 0.86 -29.51 4.35
C PHE A 499 0.43 -28.64 3.17
N TRP A 500 1.18 -27.57 2.92
CA TRP A 500 0.87 -26.65 1.83
C TRP A 500 1.97 -26.65 0.78
N ASP A 501 1.69 -26.05 -0.37
CA ASP A 501 2.66 -25.99 -1.46
C ASP A 501 3.86 -25.15 -1.02
N PRO A 502 5.03 -25.77 -0.88
CA PRO A 502 6.25 -25.08 -0.46
C PRO A 502 6.80 -24.05 -1.45
N SER A 503 6.39 -24.16 -2.71
CA SER A 503 6.85 -23.23 -3.73
C SER A 503 6.07 -21.92 -3.70
N VAL A 504 4.78 -22.00 -3.37
CA VAL A 504 3.93 -20.82 -3.31
C VAL A 504 4.18 -19.99 -2.05
N ASN A 505 4.60 -18.75 -2.24
CA ASN A 505 4.87 -17.86 -1.13
C ASN A 505 3.60 -17.37 -0.45
N LEU A 506 2.52 -17.29 -1.20
CA LEU A 506 1.26 -16.83 -0.66
C LEU A 506 0.06 -17.20 -1.52
N PHE A 507 -1.05 -17.53 -0.86
CA PHE A 507 -2.27 -17.90 -1.55
C PHE A 507 -3.43 -17.20 -0.84
N GLY A 508 -4.48 -16.89 -1.60
CA GLY A 508 -5.61 -16.19 -1.01
C GLY A 508 -6.88 -16.96 -0.77
N HIS A 509 -7.72 -16.39 0.10
CA HIS A 509 -9.01 -16.97 0.45
C HIS A 509 -10.08 -15.91 0.19
N VAL A 510 -11.06 -16.25 -0.63
CA VAL A 510 -12.13 -15.31 -0.96
C VAL A 510 -13.27 -15.40 0.05
N GLY A 511 -13.79 -14.24 0.45
CA GLY A 511 -14.86 -14.21 1.42
C GLY A 511 -16.24 -14.44 0.82
N SER A 512 -17.25 -14.51 1.68
CA SER A 512 -18.62 -14.73 1.24
C SER A 512 -19.38 -13.42 1.04
N THR A 513 -19.07 -12.43 1.87
CA THR A 513 -19.72 -11.14 1.78
C THR A 513 -18.72 -9.98 1.71
N THR A 514 -19.14 -8.89 1.07
CA THR A 514 -18.29 -7.71 0.91
C THR A 514 -17.84 -7.23 2.28
N ALA A 515 -18.74 -7.28 3.25
CA ALA A 515 -18.46 -6.84 4.61
C ALA A 515 -17.22 -7.51 5.21
N SER A 516 -17.15 -8.84 5.10
CA SER A 516 -16.03 -9.59 5.66
C SER A 516 -15.03 -10.02 4.60
N ARG A 517 -14.90 -9.23 3.53
CA ARG A 517 -13.97 -9.56 2.46
C ARG A 517 -12.51 -9.54 2.90
N GLY A 518 -12.25 -9.03 4.09
CA GLY A 518 -10.88 -8.96 4.58
C GLY A 518 -10.56 -9.91 5.72
N GLU A 519 -11.43 -10.90 5.90
CA GLU A 519 -11.23 -11.89 6.96
C GLU A 519 -10.36 -13.05 6.52
N LEU A 520 -9.13 -13.09 7.02
CA LEU A 520 -8.18 -14.15 6.67
C LEU A 520 -8.20 -14.35 5.15
N PHE A 521 -8.09 -13.25 4.42
CA PHE A 521 -8.13 -13.29 2.95
C PHE A 521 -6.81 -13.71 2.31
N LEU A 522 -5.71 -13.55 3.03
CA LEU A 522 -4.41 -13.92 2.48
C LEU A 522 -3.50 -14.66 3.45
N PHE A 523 -2.96 -15.78 2.99
CA PHE A 523 -2.05 -16.60 3.79
C PHE A 523 -0.64 -16.48 3.23
N TRP A 524 0.36 -16.50 4.12
CA TRP A 524 1.75 -16.36 3.71
C TRP A 524 2.66 -17.51 4.11
N ASN A 525 3.48 -17.95 3.16
CA ASN A 525 4.45 -19.02 3.37
C ASN A 525 5.81 -18.37 3.13
N LEU A 526 6.40 -17.82 4.19
CA LEU A 526 7.67 -17.13 4.07
C LEU A 526 8.85 -17.73 4.84
N TYR A 527 8.60 -18.10 6.09
CA TYR A 527 9.64 -18.64 6.94
C TYR A 527 10.01 -20.10 6.71
N LYS A 528 11.22 -20.46 7.14
CA LYS A 528 11.76 -21.81 6.98
C LYS A 528 10.90 -22.84 7.71
N ALA A 529 10.70 -22.65 9.01
CA ALA A 529 9.89 -23.58 9.78
C ALA A 529 8.46 -23.54 9.27
N PRO A 530 7.71 -24.65 9.45
CA PRO A 530 6.31 -24.74 9.02
C PRO A 530 5.43 -23.67 9.65
N ILE A 531 5.38 -22.49 9.04
CA ILE A 531 4.58 -21.39 9.56
C ILE A 531 3.81 -20.67 8.46
N LEU A 532 2.57 -20.32 8.77
CA LEU A 532 1.71 -19.61 7.84
C LEU A 532 1.18 -18.36 8.52
N LEU A 533 0.93 -17.32 7.74
CA LEU A 533 0.40 -16.08 8.28
C LEU A 533 -0.94 -15.77 7.65
N ALA A 534 -1.90 -15.40 8.50
CA ALA A 534 -3.23 -15.04 8.01
C ALA A 534 -3.42 -13.54 8.26
N LEU A 535 -3.85 -12.84 7.22
CA LEU A 535 -4.07 -11.40 7.34
C LEU A 535 -5.54 -11.04 7.49
N VAL A 536 -5.81 -10.07 8.35
CA VAL A 536 -7.16 -9.61 8.61
C VAL A 536 -7.18 -8.10 8.32
N ALA A 537 -7.68 -7.74 7.14
CA ALA A 537 -7.73 -6.33 6.75
C ALA A 537 -9.14 -5.77 6.69
N GLY A 538 -9.22 -4.47 6.41
CA GLY A 538 -10.50 -3.79 6.31
C GLY A 538 -11.35 -3.88 7.56
N GLU A 539 -12.66 -3.91 7.36
CA GLU A 539 -13.63 -3.99 8.46
C GLU A 539 -13.20 -5.02 9.49
N ALA A 540 -12.87 -6.22 9.02
CA ALA A 540 -12.47 -7.33 9.88
C ALA A 540 -11.31 -7.03 10.82
N ALA A 541 -10.31 -6.31 10.34
CA ALA A 541 -9.13 -5.97 11.14
C ALA A 541 -9.45 -5.59 12.58
N GLY A 542 -10.31 -4.59 12.75
CA GLY A 542 -10.67 -4.15 14.09
C GLY A 542 -11.56 -5.14 14.82
N ILE A 543 -12.65 -5.52 14.16
CA ILE A 543 -13.60 -6.47 14.75
C ILE A 543 -12.94 -7.76 15.25
N MET A 544 -12.21 -8.42 14.37
CA MET A 544 -11.53 -9.67 14.72
C MET A 544 -10.72 -9.64 16.00
N GLU A 545 -10.41 -8.45 16.50
CA GLU A 545 -9.62 -8.32 17.73
C GLU A 545 -10.43 -8.66 18.97
N ASN A 546 -11.76 -8.73 18.83
CA ASN A 546 -12.64 -9.04 19.95
C ASN A 546 -12.92 -10.53 20.06
N ILE A 547 -12.26 -11.31 19.21
CA ILE A 547 -12.43 -12.77 19.22
C ILE A 547 -11.17 -13.41 19.78
N SER A 548 -11.36 -14.37 20.69
CA SER A 548 -10.25 -15.07 21.31
C SER A 548 -9.37 -15.78 20.27
N ASP A 549 -8.09 -15.92 20.57
CA ASP A 549 -7.16 -16.58 19.67
C ASP A 549 -7.70 -17.93 19.24
N ASP A 550 -8.29 -18.64 20.20
CA ASP A 550 -8.84 -19.97 19.96
C ASP A 550 -9.82 -19.98 18.79
N VAL A 551 -10.85 -19.15 18.86
CA VAL A 551 -11.84 -19.06 17.79
C VAL A 551 -11.18 -18.62 16.50
N ILE A 552 -10.32 -17.61 16.59
CA ILE A 552 -9.62 -17.09 15.42
C ILE A 552 -8.84 -18.20 14.74
N VAL A 553 -7.98 -18.88 15.50
CA VAL A 553 -7.19 -19.98 14.96
C VAL A 553 -8.13 -21.06 14.44
N GLY A 554 -9.30 -21.17 15.09
CA GLY A 554 -10.27 -22.16 14.66
C GLY A 554 -10.74 -21.85 13.26
N ARG A 555 -11.22 -20.63 13.04
CA ARG A 555 -11.71 -20.22 11.74
C ARG A 555 -10.64 -20.39 10.66
N CYS A 556 -9.37 -20.20 11.04
CA CYS A 556 -8.27 -20.37 10.09
C CYS A 556 -8.20 -21.81 9.64
N LEU A 557 -8.07 -22.72 10.60
CA LEU A 557 -7.99 -24.14 10.30
C LEU A 557 -9.12 -24.53 9.36
N ALA A 558 -10.31 -24.04 9.65
CA ALA A 558 -11.48 -24.31 8.82
C ALA A 558 -11.15 -23.94 7.38
N ILE A 559 -10.73 -22.69 7.20
CA ILE A 559 -10.36 -22.18 5.89
C ILE A 559 -9.33 -23.10 5.24
N LEU A 560 -8.28 -23.44 5.99
CA LEU A 560 -7.23 -24.31 5.50
C LEU A 560 -7.76 -25.70 5.15
N LYS A 561 -8.55 -26.27 6.05
CA LYS A 561 -9.12 -27.59 5.82
C LYS A 561 -10.07 -27.58 4.64
N GLY A 562 -10.50 -26.39 4.24
CA GLY A 562 -11.39 -26.29 3.10
C GLY A 562 -10.58 -26.22 1.82
N ILE A 563 -9.33 -25.76 1.95
CA ILE A 563 -8.43 -25.62 0.82
C ILE A 563 -7.65 -26.91 0.60
N PHE A 564 -7.07 -27.43 1.69
CA PHE A 564 -6.26 -28.63 1.63
C PHE A 564 -7.00 -29.88 2.13
N GLY A 565 -8.26 -29.70 2.51
CA GLY A 565 -9.04 -30.81 3.02
C GLY A 565 -8.64 -31.17 4.43
N SER A 566 -9.64 -31.48 5.26
CA SER A 566 -9.38 -31.84 6.65
C SER A 566 -8.46 -33.06 6.71
N SER A 567 -8.15 -33.52 7.91
CA SER A 567 -7.28 -34.68 8.12
C SER A 567 -5.89 -34.46 7.54
N ALA A 568 -5.73 -33.37 6.80
CA ALA A 568 -4.45 -33.02 6.19
C ALA A 568 -3.90 -31.79 6.90
N VAL A 569 -4.76 -31.11 7.64
CA VAL A 569 -4.40 -29.91 8.38
C VAL A 569 -4.33 -30.25 9.87
N PRO A 570 -3.12 -30.42 10.41
CA PRO A 570 -2.93 -30.75 11.82
C PRO A 570 -3.14 -29.54 12.73
N GLN A 571 -3.13 -29.79 14.04
CA GLN A 571 -3.31 -28.72 15.02
C GLN A 571 -2.03 -27.93 15.25
N PRO A 572 -2.12 -26.60 15.26
CA PRO A 572 -0.97 -25.72 15.48
C PRO A 572 -0.42 -25.92 16.89
N LYS A 573 0.89 -26.08 17.02
CA LYS A 573 1.50 -26.28 18.33
C LYS A 573 1.86 -24.93 18.94
N GLU A 574 1.77 -23.89 18.13
CA GLU A 574 2.06 -22.52 18.54
C GLU A 574 1.27 -21.55 17.68
N THR A 575 0.58 -20.61 18.30
CA THR A 575 -0.20 -19.63 17.55
C THR A 575 -0.08 -18.24 18.15
N VAL A 576 0.15 -17.25 17.29
CA VAL A 576 0.28 -15.87 17.74
C VAL A 576 -0.74 -15.00 17.00
N VAL A 577 -1.40 -14.11 17.73
CA VAL A 577 -2.39 -13.22 17.15
C VAL A 577 -2.14 -11.78 17.60
N SER A 578 -2.14 -10.85 16.65
CA SER A 578 -1.90 -9.45 16.96
C SER A 578 -3.19 -8.64 17.08
N ARG A 579 -3.09 -7.51 17.78
CA ARG A 579 -4.22 -6.61 17.98
C ARG A 579 -3.65 -5.19 18.13
N TRP A 580 -2.95 -4.74 17.09
CA TRP A 580 -2.32 -3.43 17.10
C TRP A 580 -3.24 -2.29 17.51
N ARG A 581 -4.54 -2.44 17.25
CA ARG A 581 -5.50 -1.41 17.61
C ARG A 581 -5.63 -1.39 19.14
N ALA A 582 -5.72 -2.58 19.72
CA ALA A 582 -5.85 -2.72 21.18
C ALA A 582 -4.53 -2.37 21.87
N ASP A 583 -3.42 -2.62 21.18
CA ASP A 583 -2.09 -2.34 21.71
C ASP A 583 -2.04 -0.88 22.16
N PRO A 584 -1.89 -0.65 23.47
CA PRO A 584 -1.84 0.71 24.01
C PRO A 584 -0.66 1.54 23.51
N TRP A 585 0.38 0.85 23.05
CA TRP A 585 1.58 1.52 22.56
C TRP A 585 1.56 1.74 21.05
N ALA A 586 0.47 1.35 20.40
CA ALA A 586 0.35 1.50 18.95
C ALA A 586 -0.98 2.13 18.54
N ARG A 587 -2.08 1.54 19.02
CA ARG A 587 -3.43 2.02 18.71
C ARG A 587 -3.73 1.95 17.22
N GLY A 588 -3.08 1.02 16.53
CA GLY A 588 -3.29 0.86 15.11
C GLY A 588 -2.04 0.35 14.40
N SER A 589 -2.14 0.12 13.10
CA SER A 589 -1.01 -0.38 12.33
C SER A 589 -0.14 0.75 11.76
N TYR A 590 -0.74 1.57 10.90
CA TYR A 590 -0.01 2.69 10.31
C TYR A 590 -0.92 3.72 9.65
N SER A 591 -0.41 4.94 9.54
CA SER A 591 -1.15 6.05 8.95
C SER A 591 -1.61 5.78 7.52
N TYR A 592 -2.44 6.70 7.02
CA TYR A 592 -2.98 6.61 5.67
C TYR A 592 -3.72 7.92 5.39
N VAL A 593 -3.69 8.38 4.15
CA VAL A 593 -4.37 9.61 3.77
C VAL A 593 -5.89 9.40 3.75
N ALA A 594 -6.55 9.92 4.77
CA ALA A 594 -8.01 9.78 4.87
C ALA A 594 -8.72 10.88 4.09
N ALA A 595 -9.91 10.56 3.59
CA ALA A 595 -10.72 11.52 2.84
C ALA A 595 -10.87 12.79 3.65
N GLY A 596 -10.34 13.89 3.13
CA GLY A 596 -10.43 15.15 3.83
C GLY A 596 -9.06 15.58 4.34
N SER A 597 -8.03 14.86 3.88
CA SER A 597 -6.66 15.14 4.27
C SER A 597 -5.75 15.06 3.03
N SER A 598 -4.45 15.20 3.23
CA SER A 598 -3.50 15.14 2.12
C SER A 598 -2.08 15.00 2.62
N GLY A 599 -1.13 14.89 1.69
CA GLY A 599 0.26 14.76 2.06
C GLY A 599 0.74 15.99 2.79
N ASN A 600 -0.04 17.07 2.66
CA ASN A 600 0.28 18.33 3.31
C ASN A 600 0.32 18.14 4.83
N ASP A 601 -0.53 17.25 5.32
CA ASP A 601 -0.61 16.96 6.75
C ASP A 601 0.60 16.16 7.21
N TYR A 602 1.22 15.43 6.28
CA TYR A 602 2.40 14.63 6.59
C TYR A 602 3.61 15.54 6.79
N ASP A 603 3.42 16.83 6.55
CA ASP A 603 4.49 17.80 6.73
C ASP A 603 4.24 18.59 8.01
N LEU A 604 2.96 18.87 8.27
CA LEU A 604 2.59 19.60 9.47
C LEU A 604 3.02 18.77 10.68
N MET A 605 3.02 17.45 10.50
CA MET A 605 3.42 16.53 11.54
C MET A 605 4.92 16.67 11.82
N ALA A 606 5.70 16.71 10.75
CA ALA A 606 7.15 16.84 10.87
C ALA A 606 7.53 18.18 11.48
N GLN A 607 6.71 19.20 11.22
CA GLN A 607 6.95 20.54 11.74
C GLN A 607 7.21 20.57 13.23
N PRO A 608 8.39 21.05 13.64
CA PRO A 608 8.75 21.12 15.06
C PRO A 608 7.95 22.22 15.76
N ILE A 609 7.73 22.06 17.05
CA ILE A 609 7.01 23.05 17.83
C ILE A 609 8.03 23.95 18.53
N THR A 610 7.81 25.25 18.43
CA THR A 610 8.71 26.21 19.03
C THR A 610 7.96 27.28 19.80
N PRO A 611 8.36 27.52 21.06
CA PRO A 611 7.73 28.51 21.95
C PRO A 611 7.91 29.94 21.43
N PRO A 621 11.11 30.78 21.15
CA PRO A 621 12.12 31.55 20.39
C PRO A 621 13.05 30.62 19.62
N ILE A 622 12.97 29.33 19.94
CA ILE A 622 13.79 28.32 19.30
C ILE A 622 13.12 26.94 19.37
N PRO A 623 13.11 26.21 18.25
CA PRO A 623 12.49 24.88 18.17
C PRO A 623 12.96 23.96 19.29
N ARG A 624 12.00 23.45 20.07
CA ARG A 624 12.30 22.56 21.18
C ARG A 624 11.81 21.15 20.95
N LEU A 625 10.55 21.03 20.53
CA LEU A 625 9.94 19.72 20.28
C LEU A 625 9.95 19.34 18.80
N PHE A 626 10.54 18.17 18.50
CA PHE A 626 10.61 17.67 17.14
C PHE A 626 9.84 16.37 16.99
N PHE A 627 9.38 16.07 15.79
CA PHE A 627 8.62 14.85 15.54
C PHE A 627 9.18 13.98 14.42
N ALA A 628 9.04 12.67 14.58
CA ALA A 628 9.51 11.71 13.60
C ALA A 628 8.60 10.49 13.64
N GLY A 629 8.58 9.72 12.55
CA GLY A 629 7.74 8.55 12.49
C GLY A 629 7.09 8.37 11.13
N GLU A 630 6.59 7.16 10.86
CA GLU A 630 5.96 6.87 9.58
C GLU A 630 4.81 7.81 9.24
N HIS A 631 4.42 8.65 10.19
CA HIS A 631 3.32 9.59 9.98
C HIS A 631 3.82 11.01 9.81
N THR A 632 5.13 11.18 9.64
CA THR A 632 5.71 12.50 9.48
C THR A 632 6.48 12.64 8.18
N ILE A 633 6.79 11.52 7.55
CA ILE A 633 7.51 11.54 6.29
C ILE A 633 6.48 11.39 5.16
N ARG A 634 6.22 12.51 4.49
CA ARG A 634 5.24 12.57 3.42
C ARG A 634 5.45 11.65 2.22
N ASN A 635 6.65 11.65 1.65
CA ASN A 635 6.94 10.84 0.47
C ASN A 635 7.13 9.35 0.73
N TYR A 636 7.33 8.97 1.98
CA TYR A 636 7.53 7.56 2.32
C TYR A 636 6.75 7.19 3.59
N PRO A 637 5.44 7.46 3.59
CA PRO A 637 4.59 7.17 4.74
C PRO A 637 4.30 5.69 5.00
N ALA A 638 3.95 5.40 6.25
CA ALA A 638 3.61 4.05 6.70
C ALA A 638 4.58 2.96 6.27
N THR A 639 5.88 3.17 6.49
CA THR A 639 6.87 2.16 6.11
C THR A 639 8.07 2.15 7.03
N VAL A 640 8.76 1.01 7.09
CA VAL A 640 9.93 0.89 7.94
C VAL A 640 11.01 1.85 7.44
N HIS A 641 11.20 1.94 6.14
CA HIS A 641 12.20 2.84 5.58
C HIS A 641 11.69 4.28 5.70
N GLY A 642 10.38 4.45 5.55
CA GLY A 642 9.81 5.78 5.68
C GLY A 642 10.12 6.31 7.06
N ALA A 643 9.90 5.46 8.06
CA ALA A 643 10.17 5.82 9.45
C ALA A 643 11.66 6.06 9.62
N LEU A 644 12.46 5.23 8.95
CA LEU A 644 13.91 5.34 9.04
C LEU A 644 14.36 6.72 8.55
N LEU A 645 13.95 7.07 7.35
CA LEU A 645 14.31 8.36 6.77
C LEU A 645 13.84 9.53 7.63
N SER A 646 12.63 9.43 8.18
CA SER A 646 12.10 10.49 9.02
C SER A 646 13.00 10.64 10.24
N GLY A 647 13.64 9.53 10.63
CA GLY A 647 14.54 9.55 11.77
C GLY A 647 15.79 10.34 11.42
N LEU A 648 16.45 9.96 10.34
CA LEU A 648 17.67 10.63 9.89
C LEU A 648 17.37 12.10 9.60
N ARG A 649 16.14 12.37 9.17
CA ARG A 649 15.72 13.73 8.86
C ARG A 649 15.81 14.61 10.10
N GLU A 650 15.03 14.28 11.11
CA GLU A 650 15.03 15.04 12.36
C GLU A 650 16.41 15.08 12.99
N ALA A 651 17.16 14.00 12.83
CA ALA A 651 18.51 13.92 13.38
C ALA A 651 19.30 15.14 12.93
N GLY A 652 19.33 15.36 11.63
CA GLY A 652 20.05 16.50 11.07
C GLY A 652 19.42 17.82 11.46
N ARG A 653 18.10 17.89 11.36
CA ARG A 653 17.38 19.11 11.71
C ARG A 653 17.77 19.60 13.10
N ILE A 654 17.80 18.68 14.06
CA ILE A 654 18.16 19.01 15.43
C ILE A 654 19.64 19.36 15.53
N ALA A 655 20.47 18.57 14.85
CA ALA A 655 21.91 18.79 14.86
C ALA A 655 22.24 20.22 14.45
N ASP A 656 21.52 20.74 13.47
CA ASP A 656 21.74 22.11 12.99
C ASP A 656 21.32 23.11 14.06
N GLN A 657 20.17 22.84 14.67
CA GLN A 657 19.62 23.72 15.70
C GLN A 657 20.45 23.80 16.98
N PHE A 658 21.24 22.77 17.25
CA PHE A 658 22.03 22.76 18.48
C PHE A 658 23.54 22.68 18.29
N LEU A 659 23.98 22.15 17.16
CA LEU A 659 25.40 22.03 16.88
C LEU A 659 25.87 22.93 15.74
N GLY A 660 24.95 23.23 14.81
CA GLY A 660 25.29 24.08 13.69
C GLY A 660 26.48 23.61 12.87
#